data_8C79
#
_entry.id   8C79
#
_cell.length_a   65.870
_cell.length_b   117.350
_cell.length_c   128.910
_cell.angle_alpha   90.000
_cell.angle_beta   90.000
_cell.angle_gamma   90.000
#
_symmetry.space_group_name_H-M   'P 21 21 21'
#
loop_
_entity.id
_entity.type
_entity.pdbx_description
1 polymer '6-phosphogluconate dehydrogenase, decarboxylating'
2 non-polymer 'NADPH DIHYDRO-NICOTINAMIDE-ADENINE-DINUCLEOTIDE PHOSPHATE'
3 non-polymer 'PHOSPHATE ION'
4 water water
#
_entity_poly.entity_id   1
_entity_poly.type   'polypeptide(L)'
_entity_poly.pdbx_seq_one_letter_code
;SNDLGIIGLGVMGANLALNIAEKGFKVAVFNRTSAKTASFLKEHESEKFAANLNGYETMKAFAASLKKPRRAFILVQAGA
ATDSTIEQLKEVLENGDIIIDTGNANFKDQDKRAAQLESQGLRFLGMGISGGEEGARKGPAFFPGGTPSVWEEVRPIVEA
AAAKAEDGRPCVTFNGKGGAGSCVKMYHNAGEYAVLQIWGEAYTALLAFGFDNDQIADVFESWKADGFLKSYMLDISIAA
CRAREAAGNYLSEKVKDRIGSKGTGLWSAQEALEVGVPAPSLSMAVISRQMTMCKEERIANCKAFPNFPRGPSAEARDKS
PNSPDAKQLYHAVSLCIIASYAQMFQCLRELDKVYGFGLNLPATIATFRAGCILQGYLLGPMTKAFEENPSLPNLMDAFT
KEIVAGLDDCRQILAKLTVNTAVSLPVMMASLSYINAMYTETLPYGQLVSLQRDVFGRHGYERTDKDGRESFEWPALQ
;
_entity_poly.pdbx_strand_id   A,B
#
loop_
_chem_comp.id
_chem_comp.type
_chem_comp.name
_chem_comp.formula
NDP non-polymer 'NADPH DIHYDRO-NICOTINAMIDE-ADENINE-DINUCLEOTIDE PHOSPHATE' 'C21 H30 N7 O17 P3'
PO4 non-polymer 'PHOSPHATE ION' 'O4 P -3'
#
# COMPACT_ATOMS: atom_id res chain seq x y z
N SER A 1 -34.20 -4.28 35.63
CA SER A 1 -32.74 -4.22 35.53
C SER A 1 -32.21 -5.27 34.57
N ASN A 2 -31.32 -4.86 33.68
CA ASN A 2 -30.69 -5.75 32.71
C ASN A 2 -29.24 -5.97 33.08
N ASP A 3 -28.63 -6.95 32.42
CA ASP A 3 -27.23 -7.30 32.68
C ASP A 3 -26.27 -6.72 31.66
N LEU A 4 -26.73 -6.42 30.45
CA LEU A 4 -25.86 -5.93 29.39
C LEU A 4 -26.59 -4.86 28.59
N GLY A 5 -25.81 -4.01 27.94
CA GLY A 5 -26.35 -2.95 27.12
C GLY A 5 -25.71 -2.91 25.75
N ILE A 6 -26.54 -2.71 24.73
CA ILE A 6 -26.08 -2.60 23.35
C ILE A 6 -26.43 -1.21 22.84
N ILE A 7 -25.43 -0.50 22.33
CA ILE A 7 -25.58 0.85 21.79
C ILE A 7 -25.33 0.79 20.29
N GLY A 8 -26.23 1.38 19.52
CA GLY A 8 -26.12 1.34 18.07
C GLY A 8 -27.04 0.30 17.47
N LEU A 9 -28.16 0.76 16.90
CA LEU A 9 -29.20 -0.12 16.36
C LEU A 9 -29.11 -0.24 14.84
N GLY A 10 -27.90 -0.37 14.31
CA GLY A 10 -27.71 -0.54 12.88
C GLY A 10 -28.01 -1.96 12.44
N VAL A 11 -27.52 -2.28 11.24
CA VAL A 11 -27.75 -3.62 10.68
C VAL A 11 -27.11 -4.67 11.58
N MET A 12 -25.87 -4.44 12.01
CA MET A 12 -25.21 -5.38 12.91
C MET A 12 -25.74 -5.26 14.32
N GLY A 13 -26.06 -4.05 14.77
CA GLY A 13 -26.50 -3.87 16.15
C GLY A 13 -27.83 -4.51 16.43
N ALA A 14 -28.78 -4.41 15.50
CA ALA A 14 -30.11 -4.96 15.71
C ALA A 14 -30.07 -6.48 15.82
N ASN A 15 -29.37 -7.14 14.90
CA ASN A 15 -29.34 -8.60 14.88
C ASN A 15 -28.61 -9.16 16.08
N LEU A 16 -27.55 -8.48 16.56
CA LEU A 16 -26.83 -8.96 17.74
C LEU A 16 -27.74 -8.97 18.97
N ALA A 17 -28.60 -7.96 19.10
CA ALA A 17 -29.56 -7.95 20.21
C ALA A 17 -30.52 -9.12 20.11
N LEU A 18 -30.95 -9.48 18.89
CA LEU A 18 -31.81 -10.64 18.71
C LEU A 18 -31.09 -11.92 19.14
N ASN A 19 -29.81 -12.03 18.81
CA ASN A 19 -29.03 -13.22 19.19
C ASN A 19 -28.99 -13.37 20.70
N ILE A 20 -28.59 -12.31 21.40
CA ILE A 20 -28.39 -12.39 22.85
C ILE A 20 -29.74 -12.57 23.56
N ALA A 21 -30.79 -11.94 23.05
CA ALA A 21 -32.11 -12.12 23.63
C ALA A 21 -32.57 -13.58 23.51
N GLU A 22 -32.30 -14.20 22.37
CA GLU A 22 -32.62 -15.62 22.21
C GLU A 22 -31.84 -16.49 23.19
N LYS A 23 -30.64 -16.07 23.58
CA LYS A 23 -29.83 -16.83 24.53
C LYS A 23 -30.36 -16.73 25.96
N GLY A 24 -31.33 -15.85 26.22
CA GLY A 24 -31.88 -15.69 27.54
C GLY A 24 -31.41 -14.48 28.32
N PHE A 25 -30.34 -13.82 27.87
CA PHE A 25 -29.85 -12.63 28.55
C PHE A 25 -30.76 -11.45 28.29
N LYS A 26 -30.92 -10.59 29.29
CA LYS A 26 -31.77 -9.41 29.17
C LYS A 26 -30.98 -8.31 28.46
N VAL A 27 -31.42 -7.95 27.25
CA VAL A 27 -30.69 -7.02 26.40
C VAL A 27 -31.34 -5.64 26.51
N ALA A 28 -30.52 -4.63 26.82
CA ALA A 28 -30.95 -3.24 26.81
C ALA A 28 -30.36 -2.57 25.58
N VAL A 29 -31.20 -1.92 24.79
CA VAL A 29 -30.79 -1.35 23.52
C VAL A 29 -30.96 0.17 23.57
N PHE A 30 -30.08 0.86 22.83
CA PHE A 30 -30.14 2.30 22.71
C PHE A 30 -29.61 2.67 21.33
N ASN A 31 -30.27 3.63 20.70
CA ASN A 31 -29.82 4.16 19.42
C ASN A 31 -29.85 5.68 19.47
N ARG A 32 -28.97 6.30 18.69
CA ARG A 32 -28.88 7.76 18.70
C ARG A 32 -30.20 8.40 18.30
N THR A 33 -30.81 7.91 17.22
CA THR A 33 -32.15 8.32 16.83
C THR A 33 -33.14 7.45 17.60
N SER A 34 -33.85 8.07 18.55
CA SER A 34 -34.78 7.31 19.38
C SER A 34 -35.94 6.74 18.56
N ALA A 35 -36.24 7.33 17.40
CA ALA A 35 -37.27 6.76 16.53
C ALA A 35 -36.92 5.34 16.14
N LYS A 36 -35.64 5.07 15.89
CA LYS A 36 -35.20 3.71 15.61
C LYS A 36 -35.39 2.80 16.81
N THR A 37 -35.09 3.31 18.01
CA THR A 37 -35.27 2.52 19.22
C THR A 37 -36.73 2.18 19.46
N ALA A 38 -37.62 3.16 19.27
CA ALA A 38 -39.05 2.90 19.42
C ALA A 38 -39.54 1.93 18.35
N SER A 39 -39.08 2.10 17.11
CA SER A 39 -39.49 1.21 16.03
C SER A 39 -38.97 -0.21 16.23
N PHE A 40 -37.78 -0.36 16.81
CA PHE A 40 -37.16 -1.68 16.95
C PHE A 40 -38.06 -2.63 17.73
N LEU A 41 -38.60 -2.18 18.86
CA LEU A 41 -39.46 -3.03 19.67
C LEU A 41 -40.76 -3.40 18.98
N LYS A 42 -41.22 -2.59 18.02
CA LYS A 42 -42.54 -2.81 17.44
C LYS A 42 -42.57 -4.07 16.59
N GLU A 43 -41.60 -4.25 15.68
CA GLU A 43 -41.64 -5.44 14.82
C GLU A 43 -41.21 -6.69 15.57
N HIS A 44 -40.29 -6.56 16.52
CA HIS A 44 -39.80 -7.71 17.29
C HIS A 44 -40.52 -7.83 18.62
N GLU A 45 -41.83 -7.59 18.64
CA GLU A 45 -42.65 -7.78 19.83
C GLU A 45 -43.43 -9.09 19.80
N SER A 46 -43.57 -9.69 18.62
CA SER A 46 -44.24 -10.98 18.47
C SER A 46 -43.27 -12.15 18.64
N GLU A 47 -41.99 -11.87 18.90
CA GLU A 47 -41.01 -12.92 19.10
C GLU A 47 -41.23 -13.62 20.43
N LYS A 48 -40.70 -14.83 20.54
CA LYS A 48 -40.77 -15.61 21.77
C LYS A 48 -39.91 -15.06 22.90
N PHE A 49 -39.18 -13.96 22.67
CA PHE A 49 -38.27 -13.46 23.70
C PHE A 49 -38.30 -11.95 23.80
N ALA A 50 -39.45 -11.32 23.51
CA ALA A 50 -39.51 -9.87 23.53
C ALA A 50 -39.69 -9.30 24.93
N ALA A 51 -39.85 -10.17 25.95
CA ALA A 51 -39.75 -9.70 27.33
C ALA A 51 -38.32 -9.31 27.69
N ASN A 52 -37.33 -9.89 27.01
CA ASN A 52 -35.93 -9.58 27.27
C ASN A 52 -35.45 -8.33 26.54
N LEU A 53 -36.23 -7.80 25.61
CA LEU A 53 -35.85 -6.62 24.84
C LEU A 53 -36.52 -5.40 25.44
N ASN A 54 -35.72 -4.54 26.08
CA ASN A 54 -36.21 -3.29 26.66
C ASN A 54 -35.44 -2.14 26.04
N GLY A 55 -36.17 -1.23 25.39
CA GLY A 55 -35.56 -0.07 24.77
C GLY A 55 -35.64 1.15 25.67
N TYR A 56 -34.60 1.99 25.60
CA TYR A 56 -34.49 3.17 26.44
C TYR A 56 -34.23 4.38 25.55
N GLU A 57 -34.81 5.52 25.93
CA GLU A 57 -34.68 6.75 25.16
C GLU A 57 -33.59 7.68 25.68
N THR A 58 -33.19 7.55 26.94
CA THR A 58 -32.13 8.34 27.52
C THR A 58 -30.99 7.43 27.97
N MET A 59 -29.77 7.95 27.85
CA MET A 59 -28.61 7.15 28.25
C MET A 59 -28.58 6.93 29.75
N LYS A 60 -29.04 7.91 30.54
CA LYS A 60 -29.04 7.76 31.98
C LYS A 60 -29.94 6.61 32.41
N ALA A 61 -31.11 6.49 31.79
CA ALA A 61 -31.97 5.33 32.05
C ALA A 61 -31.35 4.06 31.47
N PHE A 62 -30.64 4.19 30.35
CA PHE A 62 -29.96 3.04 29.76
C PHE A 62 -28.88 2.51 30.69
N ALA A 63 -28.10 3.40 31.31
CA ALA A 63 -27.03 2.96 32.20
C ALA A 63 -27.57 2.46 33.53
N ALA A 64 -28.57 3.15 34.08
CA ALA A 64 -29.09 2.80 35.39
C ALA A 64 -29.76 1.42 35.41
N SER A 65 -30.21 0.93 34.25
CA SER A 65 -30.88 -0.35 34.16
C SER A 65 -29.92 -1.52 33.96
N LEU A 66 -28.61 -1.25 33.91
CA LEU A 66 -27.62 -2.29 33.67
C LEU A 66 -27.09 -2.84 34.99
N LYS A 67 -26.89 -4.15 35.03
CA LYS A 67 -26.33 -4.80 36.20
C LYS A 67 -24.91 -4.31 36.44
N LYS A 68 -24.57 -4.13 37.72
CA LYS A 68 -23.26 -3.63 38.14
C LYS A 68 -22.28 -4.78 38.31
N PRO A 69 -21.07 -4.71 37.72
CA PRO A 69 -20.56 -3.59 36.92
C PRO A 69 -21.17 -3.52 35.53
N ARG A 70 -21.39 -2.32 35.02
CA ARG A 70 -22.10 -2.16 33.76
C ARG A 70 -21.24 -2.63 32.59
N ARG A 71 -21.89 -3.26 31.61
CA ARG A 71 -21.23 -3.76 30.40
C ARG A 71 -22.02 -3.23 29.20
N ALA A 72 -21.52 -2.16 28.61
CA ALA A 72 -22.18 -1.52 27.47
C ALA A 72 -21.42 -1.84 26.20
N PHE A 73 -22.14 -2.35 25.19
CA PHE A 73 -21.55 -2.70 23.91
C PHE A 73 -21.90 -1.61 22.90
N ILE A 74 -20.88 -1.13 22.17
CA ILE A 74 -21.04 -0.03 21.23
C ILE A 74 -20.86 -0.59 19.82
N LEU A 75 -21.87 -0.39 18.98
CA LEU A 75 -21.90 -0.91 17.63
C LEU A 75 -22.28 0.19 16.64
N VAL A 76 -21.59 1.33 16.75
CA VAL A 76 -21.86 2.48 15.89
C VAL A 76 -20.73 2.63 14.90
N GLN A 77 -20.87 3.58 13.98
CA GLN A 77 -19.84 3.84 12.97
C GLN A 77 -18.50 4.14 13.63
N ALA A 78 -17.45 3.51 13.12
CA ALA A 78 -16.12 3.69 13.67
C ALA A 78 -15.62 5.11 13.44
N GLY A 79 -14.85 5.62 14.40
CA GLY A 79 -14.28 6.95 14.28
C GLY A 79 -14.97 7.99 15.15
N ALA A 80 -15.55 9.01 14.51
CA ALA A 80 -16.17 10.10 15.25
C ALA A 80 -17.35 9.62 16.07
N ALA A 81 -18.17 8.72 15.50
CA ALA A 81 -19.34 8.24 16.22
C ALA A 81 -18.96 7.49 17.48
N THR A 82 -17.93 6.64 17.40
CA THR A 82 -17.46 5.93 18.58
C THR A 82 -16.87 6.89 19.61
N ASP A 83 -16.12 7.89 19.14
CA ASP A 83 -15.55 8.87 20.06
C ASP A 83 -16.64 9.66 20.77
N SER A 84 -17.70 10.02 20.04
CA SER A 84 -18.82 10.71 20.67
C SER A 84 -19.50 9.83 21.73
N THR A 85 -19.68 8.55 21.40
CA THR A 85 -20.35 7.65 22.34
C THR A 85 -19.49 7.41 23.58
N ILE A 86 -18.18 7.28 23.40
CA ILE A 86 -17.30 7.00 24.53
C ILE A 86 -17.31 8.18 25.51
N GLU A 87 -17.23 9.41 25.00
CA GLU A 87 -17.26 10.58 25.87
C GLU A 87 -18.64 10.75 26.51
N GLN A 88 -19.70 10.36 25.81
CA GLN A 88 -21.04 10.41 26.40
C GLN A 88 -21.17 9.42 27.55
N LEU A 89 -20.56 8.25 27.42
CA LEU A 89 -20.64 7.24 28.47
C LEU A 89 -19.83 7.61 29.70
N LYS A 90 -18.83 8.49 29.54
CA LYS A 90 -17.95 8.83 30.66
C LYS A 90 -18.69 9.57 31.78
N GLU A 91 -19.83 10.17 31.48
CA GLU A 91 -20.60 10.92 32.48
C GLU A 91 -21.74 10.12 33.10
N VAL A 92 -22.01 8.91 32.60
CA VAL A 92 -23.14 8.12 33.10
C VAL A 92 -22.72 6.81 33.74
N LEU A 93 -21.45 6.44 33.68
CA LEU A 93 -20.95 5.24 34.32
C LEU A 93 -20.12 5.61 35.55
N GLU A 94 -19.82 4.59 36.35
CA GLU A 94 -19.05 4.73 37.58
C GLU A 94 -17.84 3.81 37.52
N ASN A 95 -17.09 3.79 38.62
CA ASN A 95 -15.87 2.99 38.67
C ASN A 95 -16.20 1.50 38.55
N GLY A 96 -15.39 0.79 37.78
CA GLY A 96 -15.56 -0.63 37.56
C GLY A 96 -16.44 -0.99 36.37
N ASP A 97 -17.10 -0.02 35.75
CA ASP A 97 -17.95 -0.31 34.61
C ASP A 97 -17.10 -0.55 33.36
N ILE A 98 -17.59 -1.42 32.49
CA ILE A 98 -16.84 -1.89 31.32
C ILE A 98 -17.51 -1.34 30.06
N ILE A 99 -16.69 -0.75 29.19
CA ILE A 99 -17.12 -0.32 27.87
C ILE A 99 -16.49 -1.24 26.83
N ILE A 100 -17.29 -1.67 25.85
CA ILE A 100 -16.82 -2.57 24.80
C ILE A 100 -17.09 -1.89 23.46
N ASP A 101 -16.03 -1.61 22.71
CA ASP A 101 -16.15 -1.08 21.36
C ASP A 101 -16.12 -2.23 20.39
N THR A 102 -17.19 -2.37 19.59
CA THR A 102 -17.31 -3.47 18.65
C THR A 102 -17.27 -3.03 17.20
N GLY A 103 -17.25 -1.72 16.94
CA GLY A 103 -17.11 -1.25 15.58
C GLY A 103 -15.74 -1.55 15.01
N ASN A 104 -15.68 -1.60 13.67
CA ASN A 104 -14.44 -1.91 12.97
C ASN A 104 -13.52 -0.69 13.05
N ALA A 105 -12.84 -0.58 14.18
CA ALA A 105 -11.99 0.57 14.47
C ALA A 105 -10.52 0.23 14.23
N ASN A 106 -9.67 1.21 14.48
CA ASN A 106 -8.22 1.04 14.32
C ASN A 106 -7.65 0.53 15.64
N PHE A 107 -6.80 -0.49 15.55
CA PHE A 107 -6.23 -1.08 16.76
C PHE A 107 -5.28 -0.13 17.48
N LYS A 108 -4.68 0.82 16.76
CA LYS A 108 -3.85 1.83 17.40
C LYS A 108 -4.64 2.65 18.39
N ASP A 109 -5.85 3.08 17.99
CA ASP A 109 -6.69 3.87 18.88
C ASP A 109 -7.24 3.05 20.03
N GLN A 110 -7.36 1.73 19.86
CA GLN A 110 -7.98 0.90 20.89
C GLN A 110 -7.18 0.90 22.18
N ASP A 111 -5.86 0.81 22.08
CA ASP A 111 -5.04 0.89 23.29
C ASP A 111 -5.09 2.29 23.89
N LYS A 112 -5.14 3.31 23.04
CA LYS A 112 -5.21 4.69 23.53
C LYS A 112 -6.54 4.95 24.25
N ARG A 113 -7.64 4.41 23.73
CA ARG A 113 -8.94 4.60 24.39
C ARG A 113 -8.95 3.93 25.76
N ALA A 114 -8.30 2.77 25.88
CA ALA A 114 -8.27 2.08 27.17
C ALA A 114 -7.55 2.91 28.22
N ALA A 115 -6.44 3.55 27.85
CA ALA A 115 -5.70 4.37 28.80
C ALA A 115 -6.52 5.57 29.26
N GLN A 116 -7.23 6.21 28.34
CA GLN A 116 -8.02 7.39 28.69
C GLN A 116 -9.19 7.05 29.60
N LEU A 117 -9.68 5.81 29.56
CA LEU A 117 -10.82 5.41 30.38
C LEU A 117 -10.41 4.90 31.75
N GLU A 118 -9.24 4.26 31.87
CA GLU A 118 -8.76 3.83 33.17
C GLU A 118 -8.45 5.00 34.08
N SER A 119 -8.23 6.19 33.53
CA SER A 119 -7.96 7.36 34.34
C SER A 119 -9.20 7.87 35.07
N GLN A 120 -10.38 7.37 34.73
CA GLN A 120 -11.63 7.75 35.39
C GLN A 120 -12.31 6.54 36.02
N GLY A 121 -11.56 5.49 36.33
CA GLY A 121 -12.11 4.31 36.93
C GLY A 121 -12.90 3.41 35.99
N LEU A 122 -12.83 3.67 34.69
CA LEU A 122 -13.56 2.88 33.71
C LEU A 122 -12.66 1.82 33.09
N ARG A 123 -13.29 0.77 32.58
CA ARG A 123 -12.61 -0.36 31.97
C ARG A 123 -13.06 -0.49 30.52
N PHE A 124 -12.13 -0.83 29.63
CA PHE A 124 -12.39 -0.84 28.20
C PHE A 124 -11.97 -2.18 27.61
N LEU A 125 -12.69 -2.59 26.56
CA LEU A 125 -12.37 -3.80 25.82
C LEU A 125 -12.62 -3.55 24.34
N GLY A 126 -11.66 -3.98 23.51
CA GLY A 126 -11.80 -3.86 22.07
C GLY A 126 -12.06 -5.19 21.42
N MET A 127 -13.23 -5.35 20.81
CA MET A 127 -13.65 -6.60 20.20
C MET A 127 -14.23 -6.35 18.82
N GLY A 128 -14.03 -7.29 17.91
CA GLY A 128 -14.58 -7.21 16.58
C GLY A 128 -15.56 -8.34 16.32
N ILE A 129 -16.58 -8.06 15.52
CA ILE A 129 -17.58 -9.05 15.13
C ILE A 129 -17.64 -9.10 13.60
N SER A 130 -17.71 -10.32 13.08
CA SER A 130 -17.81 -10.54 11.64
C SER A 130 -18.88 -11.58 11.36
N GLY A 131 -19.49 -11.47 10.19
CA GLY A 131 -20.53 -12.41 9.80
C GLY A 131 -21.67 -11.75 9.04
N GLY A 132 -21.72 -10.42 9.09
CA GLY A 132 -22.76 -9.69 8.39
C GLY A 132 -24.08 -9.69 9.14
N GLU A 133 -25.13 -9.31 8.40
CA GLU A 133 -26.46 -9.24 8.98
C GLU A 133 -26.95 -10.62 9.42
N GLU A 134 -26.89 -11.60 8.52
CA GLU A 134 -27.36 -12.94 8.86
C GLU A 134 -26.48 -13.58 9.93
N GLY A 135 -25.16 -13.40 9.82
CA GLY A 135 -24.27 -13.95 10.82
C GLY A 135 -24.45 -13.37 12.20
N ALA A 136 -24.80 -12.09 12.28
CA ALA A 136 -24.97 -11.45 13.58
C ALA A 136 -26.13 -12.06 14.37
N ARG A 137 -27.24 -12.37 13.70
CA ARG A 137 -28.41 -12.86 14.43
C ARG A 137 -28.28 -14.32 14.84
N LYS A 138 -27.71 -15.16 13.97
CA LYS A 138 -27.58 -16.58 14.26
C LYS A 138 -26.25 -16.93 14.91
N GLY A 139 -25.40 -15.95 15.15
CA GLY A 139 -24.17 -16.13 15.88
C GLY A 139 -22.96 -15.79 15.05
N PRO A 140 -22.29 -14.70 15.40
CA PRO A 140 -21.07 -14.29 14.69
C PRO A 140 -19.81 -14.77 15.40
N ALA A 141 -18.66 -14.56 14.77
CA ALA A 141 -17.39 -14.79 15.43
C ALA A 141 -16.89 -13.49 16.06
N PHE A 142 -16.38 -13.59 17.29
CA PHE A 142 -15.93 -12.44 18.05
C PHE A 142 -14.42 -12.51 18.23
N PHE A 143 -13.77 -11.35 18.16
CA PHE A 143 -12.32 -11.23 18.32
C PHE A 143 -12.04 -10.18 19.40
N PRO A 144 -12.06 -10.58 20.66
CA PRO A 144 -11.81 -9.63 21.75
C PRO A 144 -10.34 -9.51 22.10
N GLY A 145 -9.95 -8.29 22.47
CA GLY A 145 -8.58 -8.01 22.85
C GLY A 145 -8.46 -6.80 23.75
N GLY A 146 -7.67 -6.92 24.81
CA GLY A 146 -7.49 -5.83 25.75
C GLY A 146 -7.00 -6.27 27.11
N THR A 147 -7.49 -5.63 28.16
CA THR A 147 -7.09 -6.03 29.51
C THR A 147 -7.66 -7.41 29.82
N PRO A 148 -6.83 -8.37 30.24
CA PRO A 148 -7.35 -9.73 30.46
C PRO A 148 -8.42 -9.80 31.55
N SER A 149 -8.36 -8.89 32.54
CA SER A 149 -9.34 -8.92 33.63
C SER A 149 -10.75 -8.62 33.11
N VAL A 150 -10.85 -7.71 32.14
CA VAL A 150 -12.15 -7.31 31.60
C VAL A 150 -12.82 -8.46 30.87
N TRP A 151 -12.02 -9.32 30.23
CA TRP A 151 -12.58 -10.38 29.38
C TRP A 151 -13.47 -11.34 30.16
N GLU A 152 -13.07 -11.69 31.39
CA GLU A 152 -13.83 -12.69 32.15
C GLU A 152 -15.25 -12.21 32.47
N GLU A 153 -15.45 -10.91 32.68
CA GLU A 153 -16.80 -10.43 32.98
C GLU A 153 -17.73 -10.61 31.79
N VAL A 154 -17.23 -10.42 30.57
CA VAL A 154 -18.05 -10.54 29.38
C VAL A 154 -17.92 -11.91 28.72
N ARG A 155 -17.21 -12.83 29.34
CA ARG A 155 -17.04 -14.17 28.76
C ARG A 155 -18.37 -14.89 28.53
N PRO A 156 -19.28 -14.99 29.51
CA PRO A 156 -20.52 -15.74 29.25
C PRO A 156 -21.37 -15.18 28.12
N ILE A 157 -21.43 -13.85 27.98
CA ILE A 157 -22.29 -13.26 26.96
C ILE A 157 -21.73 -13.51 25.57
N VAL A 158 -20.42 -13.34 25.39
CA VAL A 158 -19.82 -13.45 24.07
C VAL A 158 -19.86 -14.90 23.58
N GLU A 159 -19.47 -15.85 24.43
CA GLU A 159 -19.42 -17.24 24.01
C GLU A 159 -20.81 -17.80 23.74
N ALA A 160 -21.81 -17.37 24.51
CA ALA A 160 -23.17 -17.86 24.32
C ALA A 160 -23.72 -17.44 22.96
N ALA A 161 -23.54 -16.18 22.60
CA ALA A 161 -24.05 -15.65 21.34
C ALA A 161 -23.14 -15.95 20.15
N ALA A 162 -21.96 -16.52 20.40
CA ALA A 162 -21.03 -16.81 19.32
C ALA A 162 -21.54 -17.97 18.47
N ALA A 163 -21.01 -18.03 17.25
CA ALA A 163 -21.30 -19.15 16.36
C ALA A 163 -20.71 -20.43 16.92
N LYS A 164 -21.40 -21.53 16.70
CA LYS A 164 -20.97 -22.84 17.19
C LYS A 164 -20.33 -23.60 16.05
N ALA A 165 -19.07 -24.01 16.24
CA ALA A 165 -18.32 -24.70 15.20
C ALA A 165 -18.86 -26.13 15.06
N GLU A 166 -18.28 -26.85 14.09
CA GLU A 166 -18.72 -28.22 13.84
C GLU A 166 -18.47 -29.11 15.05
N ASP A 167 -17.28 -29.00 15.65
CA ASP A 167 -16.99 -29.79 16.84
C ASP A 167 -17.77 -29.29 18.05
N GLY A 168 -17.97 -27.96 18.15
CA GLY A 168 -18.77 -27.43 19.24
C GLY A 168 -18.19 -26.22 19.96
N ARG A 169 -16.90 -25.92 19.76
CA ARG A 169 -16.30 -24.79 20.44
C ARG A 169 -16.93 -23.49 19.95
N PRO A 170 -17.24 -22.56 20.85
CA PRO A 170 -17.66 -21.23 20.41
C PRO A 170 -16.52 -20.53 19.68
N CYS A 171 -16.87 -19.75 18.67
CA CYS A 171 -15.86 -19.10 17.82
C CYS A 171 -15.43 -17.77 18.45
N VAL A 172 -14.90 -17.86 19.66
CA VAL A 172 -14.34 -16.71 20.38
C VAL A 172 -13.11 -17.17 21.14
N THR A 173 -12.04 -16.37 21.09
CA THR A 173 -10.84 -16.65 21.86
C THR A 173 -10.14 -15.32 22.14
N PHE A 174 -9.67 -15.16 23.38
CA PHE A 174 -8.90 -13.98 23.73
C PHE A 174 -7.65 -13.90 22.86
N ASN A 175 -7.39 -12.71 22.32
CA ASN A 175 -6.31 -12.51 21.37
C ASN A 175 -5.06 -11.90 22.00
N GLY A 176 -5.21 -10.92 22.88
CA GLY A 176 -4.07 -10.34 23.54
C GLY A 176 -4.41 -8.99 24.14
N LYS A 177 -3.37 -8.36 24.68
CA LYS A 177 -3.51 -7.06 25.31
C LYS A 177 -3.64 -5.97 24.24
N GLY A 178 -4.05 -4.78 24.68
CA GLY A 178 -4.21 -3.67 23.76
C GLY A 178 -5.30 -3.95 22.74
N GLY A 179 -5.11 -3.38 21.55
CA GLY A 179 -6.07 -3.56 20.48
C GLY A 179 -5.82 -4.83 19.68
N ALA A 180 -5.43 -5.91 20.36
CA ALA A 180 -5.17 -7.16 19.66
C ALA A 180 -6.42 -7.71 19.00
N GLY A 181 -7.57 -7.62 19.68
CA GLY A 181 -8.79 -8.14 19.11
C GLY A 181 -9.22 -7.40 17.85
N SER A 182 -9.16 -6.07 17.88
CA SER A 182 -9.51 -5.30 16.70
C SER A 182 -8.45 -5.41 15.61
N CYS A 183 -7.19 -5.65 15.99
CA CYS A 183 -6.14 -5.87 15.01
C CYS A 183 -6.41 -7.13 14.20
N VAL A 184 -6.88 -8.19 14.87
CA VAL A 184 -7.29 -9.40 14.15
C VAL A 184 -8.46 -9.10 13.24
N LYS A 185 -9.43 -8.32 13.74
CA LYS A 185 -10.58 -7.94 12.92
C LYS A 185 -10.15 -7.09 11.72
N MET A 186 -9.19 -6.18 11.93
CA MET A 186 -8.73 -5.35 10.84
C MET A 186 -8.13 -6.19 9.72
N TYR A 187 -7.33 -7.19 10.06
CA TYR A 187 -6.75 -8.08 9.06
C TYR A 187 -7.68 -9.24 8.71
N HIS A 188 -8.71 -9.48 9.52
CA HIS A 188 -9.78 -10.37 9.08
C HIS A 188 -10.45 -9.83 7.83
N ASN A 189 -10.74 -8.52 7.81
CA ASN A 189 -11.31 -7.89 6.63
C ASN A 189 -10.30 -7.84 5.48
N ALA A 190 -9.01 -7.70 5.80
CA ALA A 190 -7.99 -7.69 4.75
C ALA A 190 -7.99 -8.99 3.96
N GLY A 191 -8.06 -10.12 4.66
CA GLY A 191 -8.24 -11.39 3.97
C GLY A 191 -9.56 -11.44 3.22
N GLU A 192 -10.62 -10.91 3.82
CA GLU A 192 -11.90 -10.82 3.14
C GLU A 192 -11.81 -9.93 1.90
N TYR A 193 -11.05 -8.83 2.01
CA TYR A 193 -10.89 -7.91 0.88
C TYR A 193 -10.33 -8.62 -0.35
N ALA A 194 -9.27 -9.42 -0.15
CA ALA A 194 -8.59 -10.04 -1.28
C ALA A 194 -9.45 -11.10 -1.95
N VAL A 195 -10.01 -12.02 -1.16
CA VAL A 195 -10.76 -13.14 -1.73
C VAL A 195 -12.03 -12.63 -2.43
N LEU A 196 -12.71 -11.65 -1.84
CA LEU A 196 -13.85 -11.05 -2.50
C LEU A 196 -13.45 -10.48 -3.86
N GLN A 197 -12.28 -9.85 -3.93
CA GLN A 197 -11.77 -9.39 -5.22
C GLN A 197 -11.36 -10.56 -6.10
N ILE A 198 -10.83 -11.64 -5.51
CA ILE A 198 -10.45 -12.81 -6.28
C ILE A 198 -11.66 -13.41 -6.99
N TRP A 199 -12.77 -13.56 -6.25
CA TRP A 199 -14.00 -14.06 -6.86
C TRP A 199 -14.50 -13.12 -7.96
N GLY A 200 -14.45 -11.82 -7.70
CA GLY A 200 -14.85 -10.87 -8.73
C GLY A 200 -13.91 -10.90 -9.92
N GLU A 201 -12.62 -11.12 -9.68
CA GLU A 201 -11.66 -11.20 -10.77
C GLU A 201 -11.88 -12.46 -11.61
N ALA A 202 -12.18 -13.59 -10.96
CA ALA A 202 -12.54 -14.80 -11.69
C ALA A 202 -13.83 -14.59 -12.47
N TYR A 203 -14.76 -13.81 -11.92
CA TYR A 203 -15.97 -13.45 -12.66
C TYR A 203 -15.61 -12.67 -13.92
N THR A 204 -14.64 -11.76 -13.82
CA THR A 204 -14.19 -11.02 -14.99
C THR A 204 -13.53 -11.95 -16.00
N ALA A 205 -12.74 -12.92 -15.53
CA ALA A 205 -12.04 -13.81 -16.44
C ALA A 205 -13.01 -14.67 -17.24
N LEU A 206 -14.02 -15.24 -16.57
CA LEU A 206 -15.02 -16.03 -17.27
C LEU A 206 -15.85 -15.19 -18.22
N LEU A 207 -16.24 -13.98 -17.79
CA LEU A 207 -17.01 -13.10 -18.64
C LEU A 207 -16.23 -12.70 -19.89
N ALA A 208 -14.91 -12.59 -19.77
CA ALA A 208 -14.07 -12.28 -20.92
C ALA A 208 -14.05 -13.40 -21.96
N PHE A 209 -14.53 -14.59 -21.60
CA PHE A 209 -14.57 -15.72 -22.52
C PHE A 209 -15.96 -15.98 -23.09
N GLY A 210 -16.90 -15.06 -22.90
CA GLY A 210 -18.24 -15.26 -23.41
C GLY A 210 -19.11 -16.18 -22.57
N PHE A 211 -18.72 -16.44 -21.31
CA PHE A 211 -19.47 -17.36 -20.47
C PHE A 211 -20.82 -16.82 -20.03
N ASP A 212 -21.00 -15.49 -20.02
CA ASP A 212 -22.24 -14.82 -19.63
C ASP A 212 -22.52 -15.05 -18.14
N ASN A 213 -23.43 -14.24 -17.58
CA ASN A 213 -23.60 -14.22 -16.13
C ASN A 213 -24.07 -15.57 -15.59
N ASP A 214 -24.98 -16.23 -16.30
CA ASP A 214 -25.60 -17.45 -15.77
C ASP A 214 -24.60 -18.59 -15.66
N GLN A 215 -23.86 -18.85 -16.74
CA GLN A 215 -22.94 -19.98 -16.75
C GLN A 215 -21.74 -19.76 -15.83
N ILE A 216 -21.43 -18.50 -15.48
CA ILE A 216 -20.31 -18.25 -14.57
C ILE A 216 -20.59 -18.84 -13.20
N ALA A 217 -21.80 -18.62 -12.68
CA ALA A 217 -22.15 -19.20 -11.38
C ALA A 217 -22.33 -20.72 -11.47
N ASP A 218 -22.67 -21.23 -12.65
CA ASP A 218 -22.68 -22.67 -12.85
C ASP A 218 -21.28 -23.25 -12.69
N VAL A 219 -20.27 -22.54 -13.23
CA VAL A 219 -18.88 -22.95 -13.01
C VAL A 219 -18.54 -22.85 -11.52
N PHE A 220 -19.01 -21.79 -10.86
CA PHE A 220 -18.74 -21.61 -9.44
C PHE A 220 -19.35 -22.74 -8.63
N GLU A 221 -20.55 -23.18 -9.01
CA GLU A 221 -21.23 -24.25 -8.27
C GLU A 221 -20.45 -25.55 -8.32
N SER A 222 -19.80 -25.83 -9.45
CA SER A 222 -18.98 -27.04 -9.55
C SER A 222 -17.80 -26.97 -8.59
N TRP A 223 -17.17 -25.80 -8.47
CA TRP A 223 -16.07 -25.65 -7.50
C TRP A 223 -16.56 -25.82 -6.07
N LYS A 224 -17.80 -25.41 -5.79
CA LYS A 224 -18.37 -25.61 -4.46
C LYS A 224 -18.50 -27.09 -4.14
N ALA A 225 -18.95 -27.89 -5.12
CA ALA A 225 -19.05 -29.33 -4.91
C ALA A 225 -17.70 -30.00 -4.74
N ASP A 226 -16.63 -29.38 -5.25
CA ASP A 226 -15.29 -29.95 -5.08
C ASP A 226 -14.87 -29.96 -3.61
N GLY A 227 -15.32 -28.99 -2.83
CA GLY A 227 -15.05 -28.95 -1.40
C GLY A 227 -13.83 -28.13 -1.03
N PHE A 228 -12.84 -28.02 -1.92
CA PHE A 228 -11.64 -27.24 -1.62
C PHE A 228 -11.97 -25.77 -1.43
N LEU A 229 -12.75 -25.21 -2.35
CA LEU A 229 -13.09 -23.79 -2.32
C LEU A 229 -14.40 -23.52 -1.59
N LYS A 230 -15.01 -24.55 -1.00
CA LYS A 230 -16.27 -24.40 -0.28
C LYS A 230 -16.11 -23.40 0.86
N SER A 231 -16.77 -22.26 0.75
CA SER A 231 -16.66 -21.20 1.74
C SER A 231 -17.90 -20.32 1.65
N TYR A 232 -18.12 -19.54 2.71
CA TYR A 232 -19.26 -18.62 2.70
C TYR A 232 -19.11 -17.57 1.62
N MET A 233 -17.88 -17.08 1.42
CA MET A 233 -17.65 -16.08 0.38
C MET A 233 -17.94 -16.65 -1.01
N LEU A 234 -17.66 -17.93 -1.22
CA LEU A 234 -18.06 -18.58 -2.47
C LEU A 234 -19.58 -18.64 -2.59
N ASP A 235 -20.27 -18.93 -1.49
CA ASP A 235 -21.72 -19.04 -1.52
C ASP A 235 -22.37 -17.73 -1.93
N ILE A 236 -21.89 -16.62 -1.37
CA ILE A 236 -22.48 -15.32 -1.69
C ILE A 236 -22.11 -14.90 -3.12
N SER A 237 -20.96 -15.35 -3.62
CA SER A 237 -20.61 -15.06 -5.01
C SER A 237 -21.59 -15.70 -5.98
N ILE A 238 -21.97 -16.96 -5.73
CA ILE A 238 -22.97 -17.60 -6.55
C ILE A 238 -24.32 -16.91 -6.42
N ALA A 239 -24.69 -16.56 -5.18
CA ALA A 239 -25.96 -15.88 -4.97
C ALA A 239 -25.99 -14.51 -5.65
N ALA A 240 -24.88 -13.78 -5.58
CA ALA A 240 -24.82 -12.48 -6.25
C ALA A 240 -24.93 -12.64 -7.76
N CYS A 241 -24.26 -13.65 -8.32
CA CYS A 241 -24.35 -13.90 -9.75
C CYS A 241 -25.75 -14.32 -10.15
N ARG A 242 -26.39 -15.18 -9.35
CA ARG A 242 -27.70 -15.71 -9.68
C ARG A 242 -28.81 -14.69 -9.52
N ALA A 243 -28.54 -13.53 -8.94
CA ALA A 243 -29.58 -12.54 -8.72
C ALA A 243 -30.10 -12.01 -10.05
N ARG A 244 -31.42 -12.04 -10.22
CA ARG A 244 -32.08 -11.58 -11.43
C ARG A 244 -33.32 -10.78 -11.07
N GLU A 245 -33.53 -9.68 -11.77
CA GLU A 245 -34.71 -8.85 -11.53
C GLU A 245 -35.94 -9.47 -12.20
N ALA A 246 -37.11 -8.93 -11.86
CA ALA A 246 -38.36 -9.43 -12.41
C ALA A 246 -38.46 -9.20 -13.92
N ALA A 247 -37.75 -8.19 -14.45
CA ALA A 247 -37.80 -7.92 -15.88
C ALA A 247 -37.01 -8.90 -16.72
N GLY A 248 -36.26 -9.81 -16.09
CA GLY A 248 -35.48 -10.81 -16.80
C GLY A 248 -34.03 -10.44 -17.00
N ASN A 249 -33.65 -9.18 -16.80
CA ASN A 249 -32.26 -8.78 -16.94
C ASN A 249 -31.46 -9.18 -15.71
N TYR A 250 -30.16 -9.42 -15.92
CA TYR A 250 -29.27 -9.72 -14.81
C TYR A 250 -29.13 -8.50 -13.91
N LEU A 251 -29.03 -8.74 -12.60
CA LEU A 251 -28.88 -7.63 -11.66
C LEU A 251 -27.52 -6.96 -11.81
N SER A 252 -26.50 -7.73 -12.18
CA SER A 252 -25.15 -7.19 -12.27
C SER A 252 -24.99 -6.16 -13.39
N GLU A 253 -25.86 -6.18 -14.40
CA GLU A 253 -25.70 -5.24 -15.51
C GLU A 253 -26.05 -3.81 -15.09
N LYS A 254 -27.03 -3.65 -14.20
CA LYS A 254 -27.47 -2.32 -13.81
C LYS A 254 -26.69 -1.76 -12.63
N VAL A 255 -25.80 -2.53 -12.02
CA VAL A 255 -25.06 -2.08 -10.84
C VAL A 255 -23.84 -1.29 -11.30
N LYS A 256 -23.70 -0.08 -10.78
CA LYS A 256 -22.52 0.72 -11.07
C LYS A 256 -21.28 0.08 -10.44
N ASP A 257 -20.19 0.06 -11.20
CA ASP A 257 -18.95 -0.59 -10.77
C ASP A 257 -18.10 0.37 -9.93
N ARG A 258 -18.67 0.77 -8.79
CA ARG A 258 -17.98 1.60 -7.81
C ARG A 258 -18.06 0.90 -6.46
N ILE A 259 -16.90 0.64 -5.86
CA ILE A 259 -16.80 -0.13 -4.63
C ILE A 259 -16.43 0.81 -3.50
N GLY A 260 -17.33 0.94 -2.52
CA GLY A 260 -17.01 1.68 -1.31
C GLY A 260 -16.13 0.90 -0.37
N SER A 261 -15.46 1.62 0.53
CA SER A 261 -14.60 1.00 1.53
C SER A 261 -14.78 1.71 2.86
N LYS A 262 -14.65 0.95 3.95
CA LYS A 262 -14.80 1.48 5.31
C LYS A 262 -13.61 1.05 6.15
N GLY A 263 -12.52 1.81 6.06
CA GLY A 263 -11.46 1.75 7.04
C GLY A 263 -10.55 0.54 7.05
N THR A 264 -11.12 -0.63 7.37
CA THR A 264 -10.31 -1.79 7.74
C THR A 264 -9.39 -2.22 6.61
N GLY A 265 -9.90 -2.28 5.38
CA GLY A 265 -9.05 -2.66 4.26
C GLY A 265 -7.92 -1.68 4.03
N LEU A 266 -8.22 -0.38 4.10
CA LEU A 266 -7.19 0.63 3.91
C LEU A 266 -6.17 0.60 5.05
N TRP A 267 -6.66 0.56 6.29
CA TRP A 267 -5.75 0.64 7.44
C TRP A 267 -4.80 -0.55 7.49
N SER A 268 -5.31 -1.75 7.16
CA SER A 268 -4.47 -2.94 7.19
C SER A 268 -3.35 -2.86 6.14
N ALA A 269 -3.67 -2.34 4.96
CA ALA A 269 -2.65 -2.19 3.92
C ALA A 269 -1.57 -1.21 4.34
N GLN A 270 -1.97 -0.08 4.94
CA GLN A 270 -0.99 0.89 5.42
C GLN A 270 -0.13 0.31 6.53
N GLU A 271 -0.76 -0.38 7.49
CA GLU A 271 0.00 -0.96 8.60
C GLU A 271 0.96 -2.04 8.11
N ALA A 272 0.51 -2.89 7.18
CA ALA A 272 1.40 -3.89 6.62
C ALA A 272 2.59 -3.24 5.92
N LEU A 273 2.34 -2.15 5.20
CA LEU A 273 3.43 -1.38 4.61
C LEU A 273 4.33 -0.80 5.69
N GLU A 274 3.74 -0.28 6.77
CA GLU A 274 4.52 0.37 7.82
C GLU A 274 5.43 -0.62 8.53
N VAL A 275 4.91 -1.79 8.88
CA VAL A 275 5.72 -2.77 9.61
C VAL A 275 6.73 -3.45 8.69
N GLY A 276 6.49 -3.42 7.39
CA GLY A 276 7.40 -4.03 6.44
C GLY A 276 7.06 -5.44 6.02
N VAL A 277 5.85 -5.91 6.30
CA VAL A 277 5.41 -7.23 5.86
C VAL A 277 4.90 -7.11 4.43
N PRO A 278 5.48 -7.84 3.47
CA PRO A 278 5.00 -7.74 2.09
C PRO A 278 3.65 -8.41 1.89
N ALA A 279 2.62 -7.62 1.60
CA ALA A 279 1.27 -8.12 1.35
C ALA A 279 0.70 -7.47 0.09
N PRO A 280 1.25 -7.80 -1.08
CA PRO A 280 0.73 -7.17 -2.31
C PRO A 280 -0.73 -7.47 -2.57
N SER A 281 -1.20 -8.68 -2.29
CA SER A 281 -2.60 -9.01 -2.53
C SER A 281 -3.51 -8.18 -1.64
N LEU A 282 -3.13 -8.02 -0.37
CA LEU A 282 -3.90 -7.18 0.53
C LEU A 282 -3.89 -5.72 0.07
N SER A 283 -2.72 -5.22 -0.33
CA SER A 283 -2.64 -3.84 -0.81
C SER A 283 -3.34 -3.68 -2.17
N MET A 284 -3.22 -4.67 -3.05
CA MET A 284 -3.86 -4.57 -4.36
C MET A 284 -5.38 -4.62 -4.25
N ALA A 285 -5.91 -5.32 -3.24
CA ALA A 285 -7.35 -5.35 -3.06
C ALA A 285 -7.90 -3.97 -2.77
N VAL A 286 -7.22 -3.21 -1.90
CA VAL A 286 -7.63 -1.83 -1.65
C VAL A 286 -7.43 -0.98 -2.90
N ILE A 287 -6.31 -1.17 -3.59
CA ILE A 287 -6.03 -0.40 -4.80
C ILE A 287 -7.07 -0.71 -5.86
N SER A 288 -7.47 -1.98 -5.99
CA SER A 288 -8.49 -2.35 -6.96
C SER A 288 -9.82 -1.64 -6.67
N ARG A 289 -10.19 -1.54 -5.40
CA ARG A 289 -11.39 -0.79 -5.03
C ARG A 289 -11.26 0.67 -5.40
N GLN A 290 -10.06 1.24 -5.22
CA GLN A 290 -9.84 2.63 -5.60
C GLN A 290 -9.99 2.83 -7.11
N MET A 291 -9.57 1.84 -7.90
CA MET A 291 -9.72 1.93 -9.34
C MET A 291 -11.20 1.99 -9.75
N THR A 292 -12.03 1.15 -9.12
CA THR A 292 -13.46 1.15 -9.43
C THR A 292 -14.15 2.44 -9.00
N MET A 293 -13.61 3.14 -8.00
CA MET A 293 -14.22 4.38 -7.55
C MET A 293 -13.97 5.54 -8.50
N CYS A 294 -12.95 5.44 -9.35
CA CYS A 294 -12.62 6.50 -10.31
C CYS A 294 -13.44 6.35 -11.59
N LYS A 295 -14.76 6.42 -11.43
CA LYS A 295 -15.66 6.28 -12.56
C LYS A 295 -15.47 7.41 -13.57
N GLU A 296 -15.36 8.65 -13.08
CA GLU A 296 -15.16 9.79 -13.98
C GLU A 296 -13.85 9.67 -14.75
N GLU A 297 -12.81 9.12 -14.13
CA GLU A 297 -11.53 8.99 -14.82
C GLU A 297 -11.61 8.00 -15.98
N ARG A 298 -12.22 6.83 -15.76
CA ARG A 298 -12.32 5.85 -16.83
C ARG A 298 -13.21 6.35 -17.97
N ILE A 299 -14.32 7.00 -17.65
CA ILE A 299 -15.23 7.50 -18.67
C ILE A 299 -14.53 8.53 -19.54
N ALA A 300 -13.82 9.47 -18.91
CA ALA A 300 -13.04 10.45 -19.67
C ALA A 300 -11.91 9.78 -20.44
N ASN A 301 -11.26 8.79 -19.83
CA ASN A 301 -10.16 8.08 -20.49
C ASN A 301 -10.67 7.34 -21.72
N CYS A 302 -11.82 6.67 -21.61
CA CYS A 302 -12.35 5.92 -22.75
C CYS A 302 -12.76 6.84 -23.88
N LYS A 303 -13.36 7.99 -23.57
CA LYS A 303 -13.72 8.95 -24.60
C LYS A 303 -12.48 9.54 -25.26
N ALA A 304 -11.49 9.91 -24.44
CA ALA A 304 -10.25 10.47 -24.97
C ALA A 304 -9.40 9.43 -25.68
N PHE A 305 -9.73 8.14 -25.56
CA PHE A 305 -8.97 7.07 -26.19
C PHE A 305 -9.90 5.90 -26.47
N PRO A 306 -10.63 5.95 -27.58
CA PRO A 306 -11.60 4.89 -27.87
C PRO A 306 -10.98 3.71 -28.62
N ASN A 307 -9.81 3.92 -29.21
CA ASN A 307 -9.12 2.89 -29.97
C ASN A 307 -8.25 2.02 -29.07
N PHE A 308 -8.82 1.49 -28.00
CA PHE A 308 -8.05 0.68 -27.07
C PHE A 308 -7.81 -0.71 -27.64
N PRO A 309 -6.56 -1.16 -27.74
CA PRO A 309 -6.32 -2.55 -28.16
C PRO A 309 -6.70 -3.54 -27.07
N ARG A 310 -7.80 -4.25 -27.28
CA ARG A 310 -8.31 -5.19 -26.29
C ARG A 310 -7.74 -6.60 -26.46
N GLY A 311 -6.86 -6.80 -27.43
CA GLY A 311 -6.26 -8.09 -27.65
C GLY A 311 -7.15 -9.00 -28.48
N PRO A 312 -6.61 -10.12 -28.95
CA PRO A 312 -7.42 -11.05 -29.72
C PRO A 312 -8.40 -11.81 -28.84
N SER A 313 -9.69 -11.54 -29.00
CA SER A 313 -10.71 -12.20 -28.19
C SER A 313 -10.69 -13.70 -28.45
N ALA A 314 -10.61 -14.48 -27.38
CA ALA A 314 -10.56 -15.93 -27.44
C ALA A 314 -11.71 -16.49 -26.63
N GLU A 315 -12.88 -16.59 -27.27
CA GLU A 315 -14.03 -17.19 -26.62
C GLU A 315 -13.82 -18.70 -26.45
N ALA A 316 -14.24 -19.22 -25.30
CA ALA A 316 -14.19 -20.65 -25.04
C ALA A 316 -15.47 -21.27 -25.58
N ARG A 317 -15.33 -22.18 -26.55
CA ARG A 317 -16.51 -22.85 -27.09
C ARG A 317 -17.19 -23.69 -26.03
N ASP A 318 -16.40 -24.34 -25.18
CA ASP A 318 -16.93 -25.12 -24.05
C ASP A 318 -17.11 -24.18 -22.87
N LYS A 319 -18.37 -23.92 -22.51
CA LYS A 319 -18.69 -23.09 -21.36
C LYS A 319 -19.13 -23.92 -20.15
N SER A 320 -18.96 -25.24 -20.20
CA SER A 320 -19.27 -26.11 -19.09
C SER A 320 -18.18 -26.00 -18.03
N PRO A 321 -18.49 -26.39 -16.79
CA PRO A 321 -17.45 -26.40 -15.74
C PRO A 321 -16.27 -27.29 -16.04
N ASN A 322 -16.41 -28.26 -16.95
CA ASN A 322 -15.33 -29.15 -17.32
C ASN A 322 -14.38 -28.53 -18.34
N SER A 323 -14.65 -27.30 -18.77
CA SER A 323 -13.79 -26.65 -19.76
C SER A 323 -12.39 -26.48 -19.20
N PRO A 324 -11.34 -26.61 -20.03
CA PRO A 324 -9.98 -26.42 -19.51
C PRO A 324 -9.73 -25.04 -18.93
N ASP A 325 -10.30 -23.99 -19.54
CA ASP A 325 -10.13 -22.65 -19.01
C ASP A 325 -10.75 -22.53 -17.61
N ALA A 326 -11.92 -23.12 -17.41
CA ALA A 326 -12.53 -23.13 -16.08
C ALA A 326 -11.70 -23.95 -15.10
N LYS A 327 -11.21 -25.11 -15.53
CA LYS A 327 -10.42 -25.95 -14.65
C LYS A 327 -9.10 -25.27 -14.26
N GLN A 328 -8.45 -24.62 -15.23
CA GLN A 328 -7.21 -23.92 -14.94
C GLN A 328 -7.46 -22.72 -14.02
N LEU A 329 -8.57 -22.01 -14.23
CA LEU A 329 -8.90 -20.87 -13.38
C LEU A 329 -9.18 -21.31 -11.95
N TYR A 330 -9.75 -22.50 -11.77
CA TYR A 330 -9.97 -23.02 -10.42
C TYR A 330 -8.65 -23.17 -9.67
N HIS A 331 -7.64 -23.71 -10.33
CA HIS A 331 -6.32 -23.81 -9.71
C HIS A 331 -5.67 -22.43 -9.58
N ALA A 332 -5.90 -21.53 -10.54
CA ALA A 332 -5.36 -20.18 -10.42
C ALA A 332 -5.98 -19.44 -9.25
N VAL A 333 -7.30 -19.58 -9.07
CA VAL A 333 -7.98 -18.90 -7.97
C VAL A 333 -7.53 -19.47 -6.62
N SER A 334 -7.49 -20.80 -6.51
CA SER A 334 -7.30 -21.43 -5.20
C SER A 334 -5.96 -21.06 -4.57
N LEU A 335 -4.88 -21.06 -5.36
CA LEU A 335 -3.57 -20.73 -4.81
C LEU A 335 -3.47 -19.26 -4.40
N CYS A 336 -4.29 -18.38 -4.97
CA CYS A 336 -4.22 -16.98 -4.61
C CYS A 336 -4.83 -16.70 -3.24
N ILE A 337 -5.92 -17.40 -2.90
CA ILE A 337 -6.42 -17.33 -1.52
C ILE A 337 -5.37 -17.88 -0.56
N ILE A 338 -4.71 -18.98 -0.95
CA ILE A 338 -3.65 -19.54 -0.12
C ILE A 338 -2.55 -18.50 0.07
N ALA A 339 -2.16 -17.83 -1.01
CA ALA A 339 -1.17 -16.76 -0.90
C ALA A 339 -1.69 -15.62 -0.04
N SER A 340 -2.92 -15.18 -0.28
CA SER A 340 -3.47 -14.04 0.45
C SER A 340 -3.63 -14.32 1.93
N TYR A 341 -4.10 -15.52 2.28
CA TYR A 341 -4.24 -15.87 3.69
C TYR A 341 -2.88 -15.94 4.38
N ALA A 342 -1.83 -16.36 3.66
CA ALA A 342 -0.49 -16.40 4.23
C ALA A 342 -0.03 -15.01 4.66
N GLN A 343 -0.22 -14.01 3.78
CA GLN A 343 0.18 -12.66 4.10
C GLN A 343 -0.61 -12.09 5.27
N MET A 344 -1.91 -12.41 5.33
CA MET A 344 -2.73 -11.96 6.45
C MET A 344 -2.18 -12.48 7.78
N PHE A 345 -1.81 -13.76 7.82
CA PHE A 345 -1.21 -14.31 9.03
C PHE A 345 0.23 -13.85 9.21
N GLN A 346 0.95 -13.62 8.11
CA GLN A 346 2.31 -13.10 8.23
C GLN A 346 2.32 -11.72 8.86
N CYS A 347 1.38 -10.86 8.45
CA CYS A 347 1.26 -9.55 9.08
C CYS A 347 0.88 -9.68 10.54
N LEU A 348 -0.05 -10.59 10.85
CA LEU A 348 -0.52 -10.75 12.23
C LEU A 348 0.60 -11.17 13.16
N ARG A 349 1.45 -12.11 12.72
CA ARG A 349 2.56 -12.55 13.56
C ARG A 349 3.57 -11.43 13.78
N GLU A 350 3.91 -10.67 12.74
CA GLU A 350 4.83 -9.55 12.90
C GLU A 350 4.21 -8.44 13.73
N LEU A 351 2.91 -8.20 13.56
CA LEU A 351 2.22 -7.21 14.39
C LEU A 351 2.24 -7.62 15.86
N ASP A 352 2.19 -8.92 16.13
CA ASP A 352 2.29 -9.40 17.51
C ASP A 352 3.65 -9.05 18.11
N LYS A 353 4.71 -9.20 17.33
CA LYS A 353 6.05 -8.88 17.82
C LYS A 353 6.19 -7.40 18.12
N VAL A 354 5.67 -6.54 17.23
CA VAL A 354 5.90 -5.10 17.37
C VAL A 354 5.15 -4.55 18.56
N TYR A 355 3.87 -4.88 18.68
CA TYR A 355 3.02 -4.31 19.73
C TYR A 355 2.92 -5.19 20.97
N GLY A 356 3.48 -6.40 20.95
CA GLY A 356 3.46 -7.25 22.12
C GLY A 356 2.06 -7.66 22.53
N PHE A 357 1.25 -8.08 21.55
CA PHE A 357 -0.10 -8.54 21.87
C PHE A 357 -0.09 -9.80 22.73
N GLY A 358 0.81 -10.73 22.44
CA GLY A 358 0.74 -12.05 23.04
C GLY A 358 -0.31 -12.87 22.33
N LEU A 359 -0.29 -12.85 21.01
CA LEU A 359 -1.35 -13.45 20.21
C LEU A 359 -1.28 -14.96 20.25
N ASN A 360 -2.43 -15.60 20.49
CA ASN A 360 -2.55 -17.05 20.40
C ASN A 360 -3.01 -17.36 18.98
N LEU A 361 -2.03 -17.52 18.07
CA LEU A 361 -2.35 -17.67 16.66
C LEU A 361 -3.18 -18.91 16.35
N PRO A 362 -2.83 -20.12 16.78
CA PRO A 362 -3.64 -21.29 16.37
C PRO A 362 -5.09 -21.19 16.83
N ALA A 363 -5.33 -20.61 18.00
CA ALA A 363 -6.71 -20.39 18.44
C ALA A 363 -7.35 -19.23 17.68
N THR A 364 -6.55 -18.24 17.28
CA THR A 364 -7.09 -17.12 16.51
C THR A 364 -7.54 -17.56 15.13
N ILE A 365 -6.81 -18.50 14.52
CA ILE A 365 -7.31 -19.09 13.28
C ILE A 365 -8.52 -19.96 13.56
N ALA A 366 -8.57 -20.59 14.74
CA ALA A 366 -9.68 -21.48 15.09
C ALA A 366 -10.98 -20.73 15.31
N THR A 367 -10.93 -19.44 15.63
CA THR A 367 -12.17 -18.68 15.76
C THR A 367 -12.76 -18.31 14.40
N PHE A 368 -12.03 -18.52 13.31
CA PHE A 368 -12.49 -18.21 11.97
C PHE A 368 -13.36 -19.29 11.35
N ARG A 369 -13.42 -20.49 11.95
CA ARG A 369 -14.00 -21.63 11.25
C ARG A 369 -15.48 -21.42 10.95
N ALA A 370 -16.22 -20.81 11.87
CA ALA A 370 -17.64 -20.58 11.68
C ALA A 370 -18.00 -19.19 12.18
N GLY A 371 -19.05 -18.63 11.58
CA GLY A 371 -19.60 -17.36 12.00
C GLY A 371 -19.00 -16.13 11.35
N CYS A 372 -17.79 -16.23 10.81
CA CYS A 372 -17.13 -15.08 10.19
C CYS A 372 -17.34 -15.13 8.68
N ILE A 373 -16.87 -14.08 8.00
CA ILE A 373 -17.05 -13.98 6.55
C ILE A 373 -16.22 -15.02 5.83
N LEU A 374 -14.97 -15.22 6.26
CA LEU A 374 -14.05 -16.14 5.59
C LEU A 374 -14.27 -17.60 5.96
N GLN A 375 -15.38 -17.95 6.61
CA GLN A 375 -15.60 -19.32 7.05
C GLN A 375 -15.67 -20.27 5.86
N GLY A 376 -15.09 -21.45 6.03
CA GLY A 376 -15.04 -22.42 4.96
C GLY A 376 -14.16 -23.58 5.33
N TYR A 377 -13.97 -24.48 4.35
CA TYR A 377 -13.18 -25.68 4.59
C TYR A 377 -11.70 -25.35 4.74
N LEU A 378 -11.20 -24.38 3.98
CA LEU A 378 -9.77 -24.12 3.92
C LEU A 378 -9.19 -23.71 5.27
N LEU A 379 -10.02 -23.21 6.18
CA LEU A 379 -9.54 -22.82 7.50
C LEU A 379 -9.12 -24.00 8.34
N GLY A 380 -9.60 -25.21 8.02
CA GLY A 380 -9.25 -26.40 8.74
C GLY A 380 -7.76 -26.70 8.70
N PRO A 381 -7.21 -26.96 7.51
CA PRO A 381 -5.77 -27.21 7.41
C PRO A 381 -4.92 -26.09 7.95
N MET A 382 -5.36 -24.84 7.78
CA MET A 382 -4.57 -23.70 8.26
C MET A 382 -4.46 -23.71 9.78
N THR A 383 -5.54 -24.04 10.47
CA THR A 383 -5.47 -24.22 11.92
C THR A 383 -4.53 -25.37 12.28
N LYS A 384 -4.62 -26.48 11.55
CA LYS A 384 -3.72 -27.60 11.80
C LYS A 384 -2.29 -27.26 11.44
N ALA A 385 -2.09 -26.49 10.36
CA ALA A 385 -0.74 -26.19 9.90
C ALA A 385 0.06 -25.44 10.96
N PHE A 386 -0.55 -24.43 11.60
CA PHE A 386 0.15 -23.68 12.62
C PHE A 386 0.18 -24.38 13.96
N GLU A 387 -0.67 -25.39 14.16
CA GLU A 387 -0.61 -26.19 15.37
C GLU A 387 0.58 -27.15 15.34
N GLU A 388 0.85 -27.77 14.19
CA GLU A 388 2.00 -28.65 14.07
C GLU A 388 3.31 -27.87 14.15
N ASN A 389 3.39 -26.75 13.44
CA ASN A 389 4.60 -25.93 13.37
C ASN A 389 4.23 -24.49 13.69
N PRO A 390 4.22 -24.11 14.97
CA PRO A 390 3.97 -22.70 15.32
C PRO A 390 5.00 -21.75 14.77
N SER A 391 6.22 -22.22 14.49
CA SER A 391 7.27 -21.41 13.88
C SER A 391 7.33 -21.61 12.37
N LEU A 392 6.19 -21.88 11.75
CA LEU A 392 6.14 -22.15 10.32
C LEU A 392 6.53 -20.88 9.57
N PRO A 393 7.53 -20.91 8.69
CA PRO A 393 7.96 -19.66 8.02
C PRO A 393 6.88 -19.00 7.18
N ASN A 394 6.07 -19.77 6.46
CA ASN A 394 5.05 -19.20 5.59
C ASN A 394 3.98 -20.24 5.30
N LEU A 395 2.71 -19.81 5.31
CA LEU A 395 1.61 -20.74 5.16
C LEU A 395 1.67 -21.53 3.85
N MET A 396 2.36 -21.01 2.84
CA MET A 396 2.50 -21.74 1.59
C MET A 396 3.27 -23.03 1.78
N ASP A 397 4.16 -23.09 2.76
CA ASP A 397 4.93 -24.31 3.01
C ASP A 397 4.06 -25.46 3.51
N ALA A 398 2.89 -25.16 4.05
CA ALA A 398 1.97 -26.20 4.50
C ALA A 398 1.15 -26.79 3.36
N PHE A 399 1.04 -26.08 2.24
CA PHE A 399 0.20 -26.47 1.11
C PHE A 399 1.06 -26.89 -0.09
N THR A 400 2.11 -27.66 0.18
CA THR A 400 3.05 -28.06 -0.86
C THR A 400 2.36 -28.82 -1.99
N LYS A 401 1.56 -29.84 -1.65
CA LYS A 401 0.99 -30.69 -2.70
C LYS A 401 0.02 -29.90 -3.58
N GLU A 402 -0.80 -29.04 -2.98
CA GLU A 402 -1.71 -28.21 -3.77
C GLU A 402 -0.95 -27.21 -4.63
N ILE A 403 0.19 -26.71 -4.13
CA ILE A 403 1.00 -25.79 -4.92
C ILE A 403 1.59 -26.49 -6.13
N VAL A 404 2.20 -27.67 -5.91
CA VAL A 404 2.81 -28.42 -7.00
C VAL A 404 1.76 -28.81 -8.04
N ALA A 405 0.55 -29.14 -7.59
CA ALA A 405 -0.48 -29.63 -8.50
C ALA A 405 -0.88 -28.58 -9.52
N GLY A 406 -1.01 -27.32 -9.10
CA GLY A 406 -1.59 -26.33 -9.99
C GLY A 406 -0.86 -25.00 -10.12
N LEU A 407 0.37 -24.90 -9.62
CA LEU A 407 1.11 -23.66 -9.79
C LEU A 407 1.39 -23.38 -11.26
N ASP A 408 1.77 -24.41 -12.02
CA ASP A 408 1.95 -24.24 -13.45
C ASP A 408 0.62 -23.97 -14.14
N ASP A 409 -0.41 -24.74 -13.79
CA ASP A 409 -1.73 -24.53 -14.38
C ASP A 409 -2.25 -23.13 -14.10
N CYS A 410 -1.91 -22.57 -12.93
CA CYS A 410 -2.27 -21.19 -12.64
C CYS A 410 -1.56 -20.23 -13.58
N ARG A 411 -0.29 -20.54 -13.90
CA ARG A 411 0.53 -19.60 -14.66
C ARG A 411 0.02 -19.47 -16.10
N GLN A 412 -0.39 -20.57 -16.72
CA GLN A 412 -0.78 -20.53 -18.13
C GLN A 412 -2.09 -19.77 -18.32
N ILE A 413 -3.08 -20.00 -17.46
CA ILE A 413 -4.40 -19.39 -17.65
C ILE A 413 -4.31 -17.88 -17.49
N LEU A 414 -3.53 -17.41 -16.53
CA LEU A 414 -3.29 -15.97 -16.38
C LEU A 414 -2.62 -15.40 -17.62
N ALA A 415 -1.65 -16.13 -18.18
CA ALA A 415 -1.01 -15.69 -19.41
C ALA A 415 -1.99 -15.64 -20.58
N LYS A 416 -2.88 -16.64 -20.67
CA LYS A 416 -3.91 -16.61 -21.70
C LYS A 416 -4.84 -15.42 -21.51
N LEU A 417 -5.23 -15.12 -20.26
CA LEU A 417 -6.06 -13.95 -20.00
C LEU A 417 -5.34 -12.66 -20.39
N THR A 418 -4.04 -12.59 -20.11
CA THR A 418 -3.28 -11.38 -20.42
C THR A 418 -3.18 -11.17 -21.92
N VAL A 419 -2.77 -12.21 -22.66
CA VAL A 419 -2.51 -12.05 -24.09
C VAL A 419 -3.81 -11.82 -24.86
N ASN A 420 -4.85 -12.57 -24.52
CA ASN A 420 -6.08 -12.56 -25.31
C ASN A 420 -7.03 -11.43 -24.93
N THR A 421 -7.05 -11.03 -23.66
CA THR A 421 -7.99 -10.03 -23.19
C THR A 421 -7.24 -8.94 -22.43
N ALA A 422 -7.83 -7.76 -22.40
CA ALA A 422 -7.29 -6.62 -21.66
C ALA A 422 -8.03 -6.38 -20.36
N VAL A 423 -8.45 -7.46 -19.69
CA VAL A 423 -9.14 -7.36 -18.41
C VAL A 423 -8.12 -7.26 -17.30
N SER A 424 -8.29 -6.29 -16.42
CA SER A 424 -7.34 -6.09 -15.32
C SER A 424 -7.50 -7.20 -14.29
N LEU A 425 -6.37 -7.76 -13.86
CA LEU A 425 -6.33 -8.83 -12.87
C LEU A 425 -5.35 -8.45 -11.77
N PRO A 426 -5.66 -7.42 -10.98
CA PRO A 426 -4.67 -6.90 -10.01
C PRO A 426 -4.33 -7.88 -8.89
N VAL A 427 -5.34 -8.37 -8.17
CA VAL A 427 -5.07 -9.16 -6.97
C VAL A 427 -4.50 -10.53 -7.35
N MET A 428 -5.12 -11.20 -8.33
CA MET A 428 -4.67 -12.55 -8.68
C MET A 428 -3.24 -12.55 -9.18
N MET A 429 -2.90 -11.59 -10.04
CA MET A 429 -1.55 -11.52 -10.58
C MET A 429 -0.55 -11.03 -9.53
N ALA A 430 -1.02 -10.20 -8.57
CA ALA A 430 -0.16 -9.82 -7.46
C ALA A 430 0.22 -11.03 -6.61
N SER A 431 -0.73 -11.95 -6.40
CA SER A 431 -0.46 -13.16 -5.64
C SER A 431 0.58 -14.01 -6.35
N LEU A 432 0.50 -14.12 -7.68
CA LEU A 432 1.47 -14.91 -8.43
C LEU A 432 2.87 -14.34 -8.26
N SER A 433 3.00 -13.01 -8.28
CA SER A 433 4.30 -12.39 -8.00
C SER A 433 4.77 -12.72 -6.59
N TYR A 434 3.83 -12.75 -5.64
CA TYR A 434 4.17 -13.13 -4.27
C TYR A 434 4.64 -14.57 -4.21
N ILE A 435 3.99 -15.47 -4.95
CA ILE A 435 4.37 -16.88 -4.92
C ILE A 435 5.78 -17.07 -5.48
N ASN A 436 6.05 -16.44 -6.63
CA ASN A 436 7.36 -16.58 -7.26
C ASN A 436 8.46 -15.97 -6.40
N ALA A 437 8.23 -14.75 -5.90
CA ALA A 437 9.27 -14.05 -5.17
C ALA A 437 9.64 -14.76 -3.88
N MET A 438 8.65 -15.30 -3.17
CA MET A 438 8.89 -15.91 -1.86
C MET A 438 9.63 -17.25 -1.96
N TYR A 439 9.81 -17.81 -3.16
CA TYR A 439 10.45 -19.11 -3.30
C TYR A 439 11.74 -19.08 -4.11
N THR A 440 12.27 -17.91 -4.41
CA THR A 440 13.60 -17.79 -5.02
C THR A 440 14.60 -17.29 -3.99
N GLU A 441 15.72 -18.00 -3.86
CA GLU A 441 16.71 -17.63 -2.86
C GLU A 441 17.29 -16.25 -3.13
N THR A 442 17.60 -15.95 -4.38
CA THR A 442 18.18 -14.68 -4.77
C THR A 442 17.30 -14.03 -5.83
N LEU A 443 16.84 -12.82 -5.55
CA LEU A 443 16.05 -12.06 -6.52
C LEU A 443 16.97 -11.13 -7.30
N PRO A 444 17.10 -11.31 -8.61
CA PRO A 444 18.06 -10.48 -9.36
C PRO A 444 17.73 -8.99 -9.32
N TYR A 445 16.45 -8.61 -9.29
CA TYR A 445 16.13 -7.18 -9.20
C TYR A 445 16.49 -6.61 -7.84
N GLY A 446 16.51 -7.45 -6.81
CA GLY A 446 16.99 -7.00 -5.52
C GLY A 446 18.47 -6.66 -5.56
N GLN A 447 19.25 -7.43 -6.31
CA GLN A 447 20.66 -7.14 -6.45
C GLN A 447 20.88 -5.87 -7.26
N LEU A 448 20.23 -5.77 -8.43
CA LEU A 448 20.51 -4.66 -9.34
C LEU A 448 20.09 -3.32 -8.73
N VAL A 449 18.91 -3.28 -8.11
CA VAL A 449 18.45 -2.03 -7.50
C VAL A 449 19.38 -1.63 -6.35
N SER A 450 19.91 -2.62 -5.62
CA SER A 450 20.89 -2.31 -4.58
C SER A 450 22.09 -1.56 -5.14
N LEU A 451 22.59 -1.98 -6.30
CA LEU A 451 23.65 -1.20 -6.95
C LEU A 451 23.15 0.17 -7.39
N GLN A 452 21.92 0.24 -7.91
CA GLN A 452 21.39 1.51 -8.40
C GLN A 452 21.38 2.57 -7.31
N ARG A 453 20.96 2.19 -6.10
CA ARG A 453 20.94 3.13 -4.99
C ARG A 453 22.35 3.59 -4.64
N ASP A 454 23.34 2.69 -4.73
CA ASP A 454 24.71 3.06 -4.42
C ASP A 454 25.31 3.98 -5.47
N VAL A 455 24.84 3.93 -6.72
CA VAL A 455 25.44 4.73 -7.77
C VAL A 455 25.22 6.22 -7.50
N PHE A 456 23.98 6.60 -7.19
CA PHE A 456 23.67 8.01 -6.94
C PHE A 456 23.68 8.35 -5.45
N GLY A 457 23.10 7.52 -4.60
CA GLY A 457 23.01 7.83 -3.19
C GLY A 457 24.18 7.37 -2.35
N ARG A 458 25.06 6.53 -2.90
CA ARG A 458 26.17 5.95 -2.14
C ARG A 458 25.67 5.27 -0.88
N HIS A 459 24.53 4.56 -1.00
CA HIS A 459 23.90 3.92 0.13
C HIS A 459 24.54 2.58 0.50
N GLY A 460 25.36 2.01 -0.38
CA GLY A 460 25.99 0.74 -0.11
C GLY A 460 25.08 -0.44 -0.42
N TYR A 461 25.63 -1.63 -0.23
CA TYR A 461 24.91 -2.86 -0.50
C TYR A 461 25.51 -3.98 0.32
N GLU A 462 24.71 -5.04 0.52
CA GLU A 462 25.17 -6.24 1.19
C GLU A 462 25.70 -7.25 0.17
N ARG A 463 26.63 -8.09 0.62
CA ARG A 463 27.26 -9.08 -0.23
C ARG A 463 26.96 -10.49 0.26
N THR A 464 26.85 -11.42 -0.70
CA THR A 464 26.54 -12.81 -0.38
C THR A 464 27.78 -13.55 0.14
N ASP A 465 28.96 -13.23 -0.41
CA ASP A 465 30.15 -13.99 -0.05
C ASP A 465 30.64 -13.63 1.34
N LYS A 466 30.57 -12.36 1.71
CA LYS A 466 31.08 -11.89 2.99
C LYS A 466 30.08 -10.93 3.62
N ASP A 467 30.13 -10.83 4.95
CA ASP A 467 29.27 -9.92 5.68
C ASP A 467 29.75 -8.47 5.50
N GLY A 468 28.89 -7.54 5.89
CA GLY A 468 29.20 -6.13 5.82
C GLY A 468 28.54 -5.44 4.63
N ARG A 469 28.87 -4.16 4.49
CA ARG A 469 28.33 -3.31 3.44
C ARG A 469 29.48 -2.68 2.66
N GLU A 470 29.33 -2.61 1.35
CA GLU A 470 30.37 -2.10 0.47
C GLU A 470 29.78 -1.07 -0.49
N SER A 471 30.61 -0.10 -0.87
CA SER A 471 30.22 0.95 -1.81
C SER A 471 31.24 0.95 -2.94
N PHE A 472 30.79 0.60 -4.14
CA PHE A 472 31.65 0.58 -5.32
C PHE A 472 31.83 1.98 -5.87
N GLU A 473 33.06 2.29 -6.31
CA GLU A 473 33.36 3.60 -6.84
C GLU A 473 32.85 3.69 -8.28
N TRP A 474 31.95 4.64 -8.53
CA TRP A 474 31.29 4.73 -9.82
C TRP A 474 31.83 5.90 -10.65
N PRO A 475 31.80 5.78 -11.97
CA PRO A 475 32.19 6.91 -12.82
C PRO A 475 31.09 7.97 -12.85
N ALA A 476 31.48 9.18 -13.25
CA ALA A 476 30.54 10.27 -13.36
C ALA A 476 29.51 10.00 -14.45
N LEU A 477 28.24 10.26 -14.12
CA LEU A 477 27.14 10.03 -15.06
C LEU A 477 26.25 11.25 -15.27
N GLN A 478 26.59 12.39 -14.69
CA GLN A 478 25.79 13.61 -14.87
C GLN A 478 26.59 14.68 -15.61
N SER B 1 32.61 36.69 9.59
CA SER B 1 31.19 36.52 9.33
C SER B 1 30.94 35.79 8.02
N ASN B 2 30.08 34.79 8.06
CA ASN B 2 29.71 34.00 6.89
C ASN B 2 28.29 34.33 6.46
N ASP B 3 27.91 33.86 5.28
CA ASP B 3 26.60 34.15 4.71
C ASP B 3 25.58 33.04 4.91
N LEU B 4 26.01 31.79 5.02
CA LEU B 4 25.08 30.67 5.13
C LEU B 4 25.64 29.62 6.06
N GLY B 5 24.75 28.80 6.60
CA GLY B 5 25.16 27.69 7.45
C GLY B 5 24.56 26.38 7.02
N ILE B 6 25.38 25.33 6.95
CA ILE B 6 24.95 23.99 6.59
C ILE B 6 25.27 23.06 7.76
N ILE B 7 24.26 22.33 8.22
CA ILE B 7 24.41 21.38 9.33
C ILE B 7 24.25 19.97 8.78
N GLY B 8 25.20 19.11 9.12
CA GLY B 8 25.18 17.73 8.65
C GLY B 8 26.12 17.53 7.48
N LEU B 9 27.27 16.93 7.73
CA LEU B 9 28.28 16.71 6.69
C LEU B 9 28.17 15.30 6.11
N GLY B 10 26.96 14.90 5.75
CA GLY B 10 26.72 13.62 5.12
C GLY B 10 27.08 13.65 3.65
N VAL B 11 26.57 12.67 2.92
CA VAL B 11 26.83 12.61 1.48
C VAL B 11 26.28 13.84 0.79
N MET B 12 25.03 14.21 1.11
CA MET B 12 24.44 15.41 0.54
C MET B 12 24.98 16.68 1.19
N GLY B 13 25.19 16.64 2.52
CA GLY B 13 25.62 17.84 3.23
C GLY B 13 27.02 18.29 2.87
N ALA B 14 27.95 17.34 2.72
CA ALA B 14 29.33 17.71 2.43
C ALA B 14 29.46 18.33 1.05
N ASN B 15 28.85 17.71 0.04
CA ASN B 15 28.99 18.20 -1.32
C ASN B 15 28.28 19.54 -1.51
N LEU B 16 27.14 19.73 -0.85
CA LEU B 16 26.42 20.99 -0.99
C LEU B 16 27.24 22.16 -0.46
N ALA B 17 27.98 21.95 0.63
CA ALA B 17 28.85 22.99 1.15
C ALA B 17 29.92 23.36 0.12
N LEU B 18 30.47 22.38 -0.58
CA LEU B 18 31.44 22.65 -1.63
C LEU B 18 30.81 23.45 -2.78
N ASN B 19 29.57 23.13 -3.14
CA ASN B 19 28.92 23.81 -4.26
C ASN B 19 28.78 25.30 -4.00
N ILE B 20 28.17 25.68 -2.88
CA ILE B 20 27.88 27.09 -2.63
C ILE B 20 29.16 27.87 -2.39
N ALA B 21 30.15 27.24 -1.74
CA ALA B 21 31.43 27.90 -1.56
C ALA B 21 32.10 28.17 -2.91
N GLU B 22 32.00 27.22 -3.84
CA GLU B 22 32.51 27.46 -5.19
C GLU B 22 31.74 28.58 -5.88
N LYS B 23 30.47 28.78 -5.52
CA LYS B 23 29.67 29.86 -6.09
C LYS B 23 30.10 31.23 -5.57
N GLY B 24 30.97 31.28 -4.56
CA GLY B 24 31.44 32.53 -3.99
C GLY B 24 30.84 32.86 -2.64
N PHE B 25 29.78 32.16 -2.24
CA PHE B 25 29.18 32.41 -0.93
C PHE B 25 30.06 31.82 0.18
N LYS B 26 30.10 32.52 1.31
CA LYS B 26 30.88 32.05 2.46
C LYS B 26 30.06 31.02 3.22
N VAL B 27 30.53 29.77 3.21
CA VAL B 27 29.79 28.64 3.77
C VAL B 27 30.37 28.30 5.13
N ALA B 28 29.49 28.24 6.14
CA ALA B 28 29.84 27.76 7.47
C ALA B 28 29.24 26.37 7.67
N VAL B 29 30.08 25.42 8.08
CA VAL B 29 29.66 24.03 8.19
C VAL B 29 29.75 23.59 9.65
N PHE B 30 28.86 22.68 10.03
CA PHE B 30 28.87 22.09 11.36
C PHE B 30 28.30 20.68 11.25
N ASN B 31 28.92 19.75 11.99
CA ASN B 31 28.43 18.38 12.08
C ASN B 31 28.44 17.96 13.54
N ARG B 32 27.57 16.98 13.86
CA ARG B 32 27.45 16.52 15.24
C ARG B 32 28.77 16.00 15.76
N THR B 33 29.47 15.19 14.97
CA THR B 33 30.82 14.75 15.28
C THR B 33 31.80 15.78 14.73
N SER B 34 32.46 16.51 15.63
CA SER B 34 33.38 17.57 15.21
C SER B 34 34.59 17.04 14.44
N ALA B 35 34.92 15.76 14.61
CA ALA B 35 36.03 15.17 13.87
C ALA B 35 35.82 15.27 12.36
N LYS B 36 34.57 15.09 11.91
CA LYS B 36 34.27 15.23 10.49
C LYS B 36 34.50 16.65 10.01
N THR B 37 34.15 17.65 10.82
CA THR B 37 34.35 19.04 10.44
C THR B 37 35.84 19.35 10.25
N ALA B 38 36.68 18.86 11.16
CA ALA B 38 38.11 19.07 11.00
C ALA B 38 38.65 18.37 9.76
N SER B 39 38.19 17.14 9.51
CA SER B 39 38.63 16.41 8.32
C SER B 39 38.15 17.07 7.04
N PHE B 40 36.94 17.64 7.06
CA PHE B 40 36.40 18.27 5.85
C PHE B 40 37.30 19.38 5.35
N LEU B 41 37.73 20.27 6.26
CA LEU B 41 38.63 21.34 5.86
C LEU B 41 40.01 20.81 5.50
N LYS B 42 40.38 19.65 6.08
CA LYS B 42 41.72 19.12 5.87
C LYS B 42 41.91 18.61 4.45
N GLU B 43 40.96 17.81 3.97
CA GLU B 43 41.10 17.22 2.64
C GLU B 43 40.79 18.23 1.53
N HIS B 44 39.83 19.12 1.76
CA HIS B 44 39.43 20.11 0.75
C HIS B 44 40.15 21.44 0.96
N GLU B 45 41.47 21.41 1.17
CA GLU B 45 42.24 22.63 1.27
C GLU B 45 43.08 22.92 0.02
N SER B 46 43.27 21.94 -0.85
CA SER B 46 44.03 22.12 -2.08
C SER B 46 43.18 22.63 -3.24
N GLU B 47 41.89 22.86 -3.02
CA GLU B 47 41.01 23.38 -4.06
C GLU B 47 41.33 24.84 -4.36
N LYS B 48 40.88 25.30 -5.53
CA LYS B 48 41.02 26.70 -5.90
C LYS B 48 40.14 27.61 -5.06
N PHE B 49 39.41 27.04 -4.11
CA PHE B 49 38.48 27.73 -3.24
C PHE B 49 38.67 27.13 -1.85
N ALA B 50 37.66 27.28 -0.99
CA ALA B 50 37.60 26.86 0.41
C ALA B 50 38.24 27.88 1.34
N ALA B 51 38.73 29.01 0.83
CA ALA B 51 39.02 30.13 1.73
C ALA B 51 37.75 30.66 2.37
N ASN B 52 36.61 30.44 1.72
CA ASN B 52 35.30 30.78 2.26
C ASN B 52 34.75 29.69 3.18
N LEU B 53 35.41 28.53 3.24
CA LEU B 53 34.94 27.39 4.03
C LEU B 53 35.68 27.40 5.37
N ASN B 54 34.94 27.72 6.45
CA ASN B 54 35.47 27.69 7.80
C ASN B 54 34.59 26.78 8.64
N GLY B 55 35.18 25.74 9.21
CA GLY B 55 34.44 24.79 10.03
C GLY B 55 34.51 25.13 11.51
N TYR B 56 33.42 24.83 12.21
CA TYR B 56 33.28 25.15 13.62
C TYR B 56 32.91 23.90 14.41
N GLU B 57 33.43 23.82 15.63
CA GLU B 57 33.20 22.67 16.50
C GLU B 57 32.10 22.90 17.52
N THR B 58 31.73 24.15 17.78
CA THR B 58 30.67 24.49 18.72
C THR B 58 29.51 25.16 17.99
N MET B 59 28.29 24.89 18.46
CA MET B 59 27.11 25.43 17.80
C MET B 59 27.01 26.94 17.98
N LYS B 60 27.41 27.45 19.15
CA LYS B 60 27.30 28.89 19.40
C LYS B 60 28.13 29.69 18.40
N ALA B 61 29.35 29.23 18.12
CA ALA B 61 30.17 29.90 17.10
C ALA B 61 29.60 29.72 15.70
N PHE B 62 28.93 28.58 15.44
CA PHE B 62 28.34 28.36 14.13
C PHE B 62 27.26 29.39 13.81
N ALA B 63 26.41 29.70 14.80
CA ALA B 63 25.32 30.65 14.57
C ALA B 63 25.81 32.09 14.53
N ALA B 64 26.74 32.44 15.43
CA ALA B 64 27.18 33.83 15.56
C ALA B 64 27.87 34.36 14.30
N SER B 65 28.39 33.47 13.45
CA SER B 65 29.11 33.89 12.25
C SER B 65 28.20 34.11 11.05
N LEU B 66 26.89 33.94 11.21
CA LEU B 66 25.96 34.06 10.10
C LEU B 66 25.42 35.48 9.97
N LYS B 67 25.29 35.94 8.73
CA LYS B 67 24.70 37.24 8.45
C LYS B 67 23.23 37.25 8.85
N LYS B 68 22.78 38.37 9.43
CA LYS B 68 21.38 38.48 9.86
C LYS B 68 20.53 39.01 8.71
N PRO B 69 19.39 38.37 8.38
CA PRO B 69 18.86 37.18 9.07
C PRO B 69 19.58 35.89 8.70
N ARG B 70 19.76 35.02 9.69
CA ARG B 70 20.55 33.81 9.52
C ARG B 70 19.81 32.80 8.65
N ARG B 71 20.58 32.07 7.84
CA ARG B 71 20.05 31.04 6.94
C ARG B 71 20.81 29.75 7.21
N ALA B 72 20.21 28.86 8.01
CA ALA B 72 20.82 27.60 8.39
C ALA B 72 20.18 26.46 7.61
N PHE B 73 21.01 25.65 6.97
CA PHE B 73 20.55 24.51 6.18
C PHE B 73 20.80 23.22 6.95
N ILE B 74 19.78 22.36 7.00
CA ILE B 74 19.83 21.12 7.77
C ILE B 74 19.89 19.96 6.79
N LEU B 75 20.94 19.15 6.91
CA LEU B 75 21.18 18.02 6.01
C LEU B 75 21.51 16.77 6.81
N VAL B 76 20.69 16.48 7.81
CA VAL B 76 20.88 15.32 8.67
C VAL B 76 19.82 14.28 8.36
N GLN B 77 19.94 13.12 9.00
CA GLN B 77 18.97 12.05 8.82
C GLN B 77 17.56 12.53 9.17
N ALA B 78 16.60 12.20 8.32
CA ALA B 78 15.22 12.62 8.55
C ALA B 78 14.65 11.93 9.79
N GLY B 79 13.77 12.65 10.49
CA GLY B 79 13.13 12.11 11.66
C GLY B 79 13.67 12.65 12.97
N ALA B 80 14.22 11.75 13.81
CA ALA B 80 14.70 12.15 15.12
C ALA B 80 15.87 13.13 15.01
N ALA B 81 16.79 12.89 14.07
CA ALA B 81 17.96 13.76 13.93
C ALA B 81 17.56 15.17 13.53
N THR B 82 16.61 15.29 12.59
CA THR B 82 16.15 16.62 12.19
C THR B 82 15.45 17.32 13.35
N ASP B 83 14.61 16.59 14.09
CA ASP B 83 13.96 17.17 15.26
C ASP B 83 14.97 17.54 16.34
N SER B 84 16.00 16.70 16.53
CA SER B 84 17.03 17.01 17.51
C SER B 84 17.79 18.28 17.13
N THR B 85 18.13 18.43 15.84
CA THR B 85 18.91 19.58 15.41
C THR B 85 18.13 20.88 15.51
N ILE B 86 16.84 20.86 15.17
CA ILE B 86 16.06 22.09 15.16
C ILE B 86 15.92 22.65 16.57
N GLU B 87 15.65 21.79 17.57
CA GLU B 87 15.53 22.28 18.94
C GLU B 87 16.87 22.78 19.47
N GLN B 88 17.98 22.20 19.00
CA GLN B 88 19.29 22.69 19.40
C GLN B 88 19.53 24.11 18.89
N LEU B 89 19.04 24.40 17.68
CA LEU B 89 19.23 25.73 17.11
C LEU B 89 18.36 26.78 17.78
N LYS B 90 17.30 26.38 18.48
CA LYS B 90 16.36 27.34 19.05
C LYS B 90 16.99 28.24 20.10
N GLU B 91 18.15 27.85 20.64
CA GLU B 91 18.82 28.67 21.64
C GLU B 91 19.88 29.60 21.05
N VAL B 92 20.17 29.48 19.75
CA VAL B 92 21.23 30.26 19.13
C VAL B 92 20.72 31.16 18.00
N LEU B 93 19.44 31.09 17.66
CA LEU B 93 18.88 31.96 16.62
C LEU B 93 18.03 33.06 17.26
N GLU B 94 17.69 34.06 16.46
CA GLU B 94 16.88 35.20 16.88
C GLU B 94 15.64 35.33 15.99
N ASN B 95 14.85 36.37 16.27
CA ASN B 95 13.64 36.62 15.51
C ASN B 95 13.97 36.99 14.06
N GLY B 96 13.20 36.44 13.13
CA GLY B 96 13.40 36.70 11.72
C GLY B 96 14.38 35.80 11.02
N ASP B 97 15.10 34.96 11.76
CA ASP B 97 16.08 34.05 11.19
C ASP B 97 15.40 32.86 10.53
N ILE B 98 16.04 32.33 9.50
CA ILE B 98 15.47 31.29 8.64
C ILE B 98 16.18 29.98 8.89
N ILE B 99 15.40 28.93 9.14
CA ILE B 99 15.88 27.56 9.22
C ILE B 99 15.34 26.81 8.00
N ILE B 100 16.19 26.02 7.36
CA ILE B 100 15.82 25.25 6.18
C ILE B 100 16.13 23.79 6.42
N ASP B 101 15.09 22.95 6.41
CA ASP B 101 15.25 21.50 6.48
C ASP B 101 15.23 20.95 5.06
N THR B 102 16.31 20.27 4.69
CA THR B 102 16.45 19.73 3.34
C THR B 102 16.44 18.21 3.29
N GLY B 103 16.44 17.54 4.44
CA GLY B 103 16.33 16.10 4.45
C GLY B 103 15.00 15.61 3.95
N ASN B 104 14.99 14.37 3.47
CA ASN B 104 13.78 13.76 2.91
C ASN B 104 12.83 13.38 4.05
N ALA B 105 12.08 14.38 4.50
CA ALA B 105 11.19 14.22 5.64
C ALA B 105 9.74 14.04 5.17
N ASN B 106 8.84 13.89 6.13
CA ASN B 106 7.42 13.72 5.86
C ASN B 106 6.76 15.09 5.83
N PHE B 107 5.92 15.33 4.81
CA PHE B 107 5.28 16.63 4.67
C PHE B 107 4.26 16.88 5.77
N LYS B 108 3.68 15.82 6.34
CA LYS B 108 2.79 15.99 7.50
C LYS B 108 3.56 16.58 8.68
N ASP B 109 4.74 16.03 8.95
CA ASP B 109 5.57 16.57 10.02
C ASP B 109 6.11 17.95 9.69
N GLN B 110 6.20 18.28 8.40
CA GLN B 110 6.74 19.57 7.98
C GLN B 110 5.85 20.71 8.46
N ASP B 111 4.52 20.53 8.37
CA ASP B 111 3.59 21.54 8.85
C ASP B 111 3.65 21.68 10.36
N LYS B 112 3.86 20.57 11.08
CA LYS B 112 3.96 20.64 12.53
C LYS B 112 5.16 21.47 12.97
N ARG B 113 6.29 21.31 12.27
CA ARG B 113 7.48 22.10 12.60
C ARG B 113 7.23 23.58 12.35
N ALA B 114 6.49 23.92 11.30
CA ALA B 114 6.20 25.32 11.01
C ALA B 114 5.40 25.96 12.13
N ALA B 115 4.38 25.27 12.63
CA ALA B 115 3.56 25.84 13.70
C ALA B 115 4.36 25.99 14.99
N GLN B 116 5.14 24.97 15.35
CA GLN B 116 5.89 25.02 16.61
C GLN B 116 7.02 26.05 16.56
N LEU B 117 7.53 26.37 15.37
CA LEU B 117 8.65 27.30 15.27
C LEU B 117 8.22 28.75 15.09
N GLU B 118 7.11 29.00 14.38
CA GLU B 118 6.62 30.36 14.24
C GLU B 118 6.14 30.95 15.55
N SER B 119 5.83 30.11 16.53
CA SER B 119 5.36 30.59 17.83
C SER B 119 6.47 31.22 18.66
N GLN B 120 7.73 31.11 18.25
CA GLN B 120 8.85 31.69 18.98
C GLN B 120 9.62 32.70 18.12
N GLY B 121 8.95 33.30 17.15
CA GLY B 121 9.59 34.30 16.31
C GLY B 121 10.54 33.73 15.27
N LEU B 122 10.56 32.43 15.07
CA LEU B 122 11.43 31.80 14.10
C LEU B 122 10.68 31.56 12.79
N ARG B 123 11.46 31.47 11.71
CA ARG B 123 10.91 31.25 10.37
C ARG B 123 11.41 29.92 9.82
N PHE B 124 10.53 29.21 9.13
CA PHE B 124 10.81 27.86 8.66
C PHE B 124 10.49 27.76 7.17
N LEU B 125 11.24 26.90 6.49
CA LEU B 125 11.00 26.60 5.08
C LEU B 125 11.27 25.11 4.87
N GLY B 126 10.36 24.44 4.16
CA GLY B 126 10.53 23.04 3.86
C GLY B 126 10.84 22.76 2.41
N MET B 127 12.04 22.24 2.14
CA MET B 127 12.47 21.97 0.78
C MET B 127 13.13 20.60 0.71
N GLY B 128 13.03 19.97 -0.45
CA GLY B 128 13.63 18.67 -0.69
C GLY B 128 14.77 18.77 -1.67
N ILE B 129 15.74 17.87 -1.53
CA ILE B 129 16.92 17.83 -2.39
C ILE B 129 16.97 16.48 -3.09
N SER B 130 17.21 16.49 -4.39
CA SER B 130 17.33 15.27 -5.17
C SER B 130 18.53 15.38 -6.10
N GLY B 131 19.16 14.24 -6.38
CA GLY B 131 20.30 14.20 -7.27
C GLY B 131 21.40 13.27 -6.83
N GLY B 132 21.36 12.84 -5.56
CA GLY B 132 22.37 11.94 -5.05
C GLY B 132 23.68 12.66 -4.74
N GLU B 133 24.74 11.85 -4.59
CA GLU B 133 26.06 12.39 -4.29
C GLU B 133 26.56 13.26 -5.44
N GLU B 134 26.53 12.72 -6.66
CA GLU B 134 27.00 13.48 -7.82
C GLU B 134 26.12 14.70 -8.08
N GLY B 135 24.80 14.54 -7.95
CA GLY B 135 23.91 15.67 -8.12
C GLY B 135 24.15 16.76 -7.10
N ALA B 136 24.50 16.36 -5.87
CA ALA B 136 24.81 17.34 -4.84
C ALA B 136 26.06 18.13 -5.21
N ARG B 137 27.06 17.46 -5.78
CA ARG B 137 28.33 18.09 -6.09
C ARG B 137 28.25 18.97 -7.35
N LYS B 138 27.48 18.54 -8.35
CA LYS B 138 27.40 19.31 -9.59
C LYS B 138 26.26 20.32 -9.55
N GLY B 139 25.02 19.85 -9.42
CA GLY B 139 23.87 20.70 -9.23
C GLY B 139 22.61 19.89 -9.08
N PRO B 140 21.91 20.09 -7.95
CA PRO B 140 20.66 19.34 -7.74
C PRO B 140 19.42 20.12 -8.14
N ALA B 141 18.27 19.45 -8.14
CA ALA B 141 16.97 20.08 -8.30
C ALA B 141 16.37 20.33 -6.93
N PHE B 142 15.75 21.50 -6.76
CA PHE B 142 15.21 21.90 -5.47
C PHE B 142 13.69 21.93 -5.53
N PHE B 143 13.06 21.49 -4.45
CA PHE B 143 11.60 21.46 -4.33
C PHE B 143 11.21 22.19 -3.06
N PRO B 144 11.10 23.52 -3.11
CA PRO B 144 10.73 24.28 -1.92
C PRO B 144 9.23 24.44 -1.76
N GLY B 145 8.78 24.43 -0.52
CA GLY B 145 7.37 24.62 -0.21
C GLY B 145 7.15 25.14 1.20
N GLY B 146 6.31 26.16 1.33
CA GLY B 146 6.03 26.75 2.62
C GLY B 146 5.53 28.17 2.53
N THR B 147 5.93 29.01 3.47
CA THR B 147 5.54 30.42 3.42
C THR B 147 6.25 31.10 2.25
N PRO B 148 5.53 31.76 1.36
CA PRO B 148 6.18 32.36 0.17
C PRO B 148 7.23 33.40 0.50
N SER B 149 7.09 34.10 1.64
CA SER B 149 8.05 35.15 1.97
C SER B 149 9.45 34.60 2.20
N VAL B 150 9.56 33.43 2.85
CA VAL B 150 10.87 32.87 3.14
C VAL B 150 11.59 32.46 1.87
N TRP B 151 10.86 31.94 0.87
CA TRP B 151 11.51 31.44 -0.34
C TRP B 151 12.24 32.54 -1.08
N GLU B 152 11.62 33.73 -1.19
CA GLU B 152 12.25 34.82 -1.92
C GLU B 152 13.52 35.29 -1.21
N GLU B 153 13.55 35.20 0.12
CA GLU B 153 14.74 35.62 0.87
C GLU B 153 15.94 34.73 0.55
N VAL B 154 15.71 33.42 0.38
CA VAL B 154 16.78 32.48 0.07
C VAL B 154 16.82 32.14 -1.42
N ARG B 155 16.02 32.82 -2.23
CA ARG B 155 16.00 32.53 -3.67
C ARG B 155 17.35 32.70 -4.34
N PRO B 156 18.11 33.79 -4.14
CA PRO B 156 19.39 33.90 -4.84
C PRO B 156 20.38 32.79 -4.49
N ILE B 157 20.38 32.34 -3.24
CA ILE B 157 21.33 31.31 -2.83
C ILE B 157 20.96 29.96 -3.44
N VAL B 158 19.66 29.64 -3.50
CA VAL B 158 19.22 28.34 -3.99
C VAL B 158 19.45 28.23 -5.50
N GLU B 159 19.07 29.27 -6.24
CA GLU B 159 19.16 29.22 -7.69
C GLU B 159 20.61 29.14 -8.18
N ALA B 160 21.54 29.75 -7.46
CA ALA B 160 22.94 29.71 -7.88
C ALA B 160 23.48 28.29 -7.85
N ALA B 161 23.19 27.54 -6.78
CA ALA B 161 23.64 26.17 -6.65
C ALA B 161 22.72 25.17 -7.33
N ALA B 162 21.57 25.61 -7.81
CA ALA B 162 20.62 24.70 -8.44
C ALA B 162 21.13 24.23 -9.80
N ALA B 163 20.59 23.09 -10.25
CA ALA B 163 20.91 22.57 -11.56
C ALA B 163 20.36 23.48 -12.66
N LYS B 164 21.10 23.57 -13.76
CA LYS B 164 20.75 24.41 -14.89
C LYS B 164 20.19 23.52 -16.00
N ALA B 165 18.97 23.83 -16.42
CA ALA B 165 18.31 23.03 -17.46
C ALA B 165 18.93 23.33 -18.82
N GLU B 166 18.45 22.62 -19.85
CA GLU B 166 18.97 22.81 -21.19
C GLU B 166 18.70 24.22 -21.71
N ASP B 167 17.48 24.73 -21.50
CA ASP B 167 17.15 26.07 -21.97
C ASP B 167 17.89 27.14 -21.18
N GLY B 168 18.10 26.92 -19.88
CA GLY B 168 18.85 27.85 -19.07
C GLY B 168 18.18 28.18 -17.75
N ARG B 169 16.89 27.86 -17.64
CA ARG B 169 16.18 28.10 -16.40
C ARG B 169 16.73 27.20 -15.30
N PRO B 170 16.91 27.73 -14.08
CA PRO B 170 17.31 26.85 -12.96
C PRO B 170 16.20 25.86 -12.64
N CYS B 171 16.63 24.66 -12.23
CA CYS B 171 15.69 23.57 -11.94
C CYS B 171 15.15 23.69 -10.51
N VAL B 172 14.52 24.83 -10.25
CA VAL B 172 13.87 25.09 -8.98
C VAL B 172 12.62 25.92 -9.25
N THR B 173 11.52 25.59 -8.59
CA THR B 173 10.28 26.34 -8.72
C THR B 173 9.48 26.22 -7.43
N PHE B 174 8.94 27.34 -6.96
CA PHE B 174 8.07 27.33 -5.79
C PHE B 174 6.86 26.45 -6.04
N ASN B 175 6.55 25.59 -5.07
CA ASN B 175 5.49 24.60 -5.21
C ASN B 175 4.19 25.00 -4.55
N GLY B 176 4.23 25.54 -3.34
CA GLY B 176 3.03 25.96 -2.66
C GLY B 176 3.27 26.10 -1.17
N LYS B 177 2.17 26.38 -0.46
CA LYS B 177 2.22 26.54 0.98
C LYS B 177 2.32 25.18 1.67
N GLY B 178 2.63 25.22 2.97
CA GLY B 178 2.75 24.00 3.74
C GLY B 178 3.91 23.14 3.28
N GLY B 179 3.74 21.83 3.43
CA GLY B 179 4.77 20.88 3.03
C GLY B 179 4.68 20.51 1.56
N ALA B 180 4.39 21.49 0.70
CA ALA B 180 4.27 21.22 -0.72
C ALA B 180 5.59 20.75 -1.31
N GLY B 181 6.70 21.36 -0.89
CA GLY B 181 7.99 20.96 -1.42
C GLY B 181 8.37 19.54 -1.04
N SER B 182 8.16 19.18 0.22
CA SER B 182 8.47 17.82 0.65
C SER B 182 7.46 16.82 0.11
N CYS B 183 6.20 17.24 -0.10
CA CYS B 183 5.24 16.36 -0.73
C CYS B 183 5.63 16.03 -2.16
N VAL B 184 6.10 17.03 -2.91
CA VAL B 184 6.62 16.78 -4.25
C VAL B 184 7.86 15.90 -4.18
N LYS B 185 8.76 16.19 -3.24
CA LYS B 185 9.96 15.38 -3.08
C LYS B 185 9.61 13.95 -2.69
N MET B 186 8.61 13.78 -1.82
CA MET B 186 8.19 12.44 -1.42
C MET B 186 7.70 11.64 -2.63
N TYR B 187 6.92 12.27 -3.50
CA TYR B 187 6.45 11.57 -4.69
C TYR B 187 7.45 11.62 -5.83
N HIS B 188 8.44 12.51 -5.76
CA HIS B 188 9.58 12.41 -6.66
C HIS B 188 10.31 11.08 -6.44
N ASN B 189 10.52 10.71 -5.18
CA ASN B 189 11.14 9.43 -4.88
C ASN B 189 10.20 8.27 -5.22
N ALA B 190 8.88 8.48 -5.07
CA ALA B 190 7.93 7.42 -5.41
C ALA B 190 8.04 7.04 -6.89
N GLY B 191 8.14 8.04 -7.76
CA GLY B 191 8.41 7.75 -9.16
C GLY B 191 9.75 7.08 -9.36
N GLU B 192 10.76 7.50 -8.60
CA GLU B 192 12.06 6.83 -8.66
C GLU B 192 11.96 5.39 -8.18
N TYR B 193 11.17 5.14 -7.13
CA TYR B 193 11.06 3.79 -6.60
C TYR B 193 10.55 2.82 -7.65
N ALA B 194 9.50 3.19 -8.38
CA ALA B 194 8.91 2.28 -9.34
C ALA B 194 9.81 2.06 -10.55
N VAL B 195 10.33 3.15 -11.13
CA VAL B 195 11.12 3.02 -12.35
C VAL B 195 12.41 2.27 -12.09
N LEU B 196 13.06 2.53 -10.95
CA LEU B 196 14.24 1.76 -10.58
C LEU B 196 13.92 0.27 -10.49
N GLN B 197 12.75 -0.06 -9.94
CA GLN B 197 12.32 -1.45 -9.91
C GLN B 197 11.95 -1.97 -11.30
N ILE B 198 11.40 -1.11 -12.16
CA ILE B 198 11.06 -1.53 -13.51
C ILE B 198 12.31 -1.94 -14.27
N TRP B 199 13.38 -1.14 -14.16
CA TRP B 199 14.64 -1.52 -14.78
C TRP B 199 15.18 -2.82 -14.22
N GLY B 200 15.08 -2.99 -12.90
CA GLY B 200 15.52 -4.24 -12.29
C GLY B 200 14.67 -5.42 -12.70
N GLU B 201 13.36 -5.20 -12.88
CA GLU B 201 12.48 -6.28 -13.31
C GLU B 201 12.77 -6.70 -14.74
N ALA B 202 13.01 -5.73 -15.63
CA ALA B 202 13.46 -6.06 -16.98
C ALA B 202 14.81 -6.75 -16.95
N TYR B 203 15.66 -6.38 -15.99
CA TYR B 203 16.93 -7.08 -15.80
C TYR B 203 16.72 -8.55 -15.47
N THR B 204 15.73 -8.84 -14.62
CA THR B 204 15.40 -10.23 -14.32
C THR B 204 14.88 -10.95 -15.56
N ALA B 205 14.05 -10.28 -16.36
CA ALA B 205 13.49 -10.92 -17.55
C ALA B 205 14.58 -11.29 -18.55
N LEU B 206 15.54 -10.40 -18.78
CA LEU B 206 16.63 -10.71 -19.68
C LEU B 206 17.48 -11.86 -19.13
N LEU B 207 17.75 -11.84 -17.82
CA LEU B 207 18.49 -12.92 -17.19
C LEU B 207 17.75 -14.25 -17.29
N ALA B 208 16.41 -14.20 -17.28
CA ALA B 208 15.60 -15.40 -17.42
C ALA B 208 15.73 -16.05 -18.80
N PHE B 209 16.30 -15.34 -19.78
CA PHE B 209 16.51 -15.87 -21.11
C PHE B 209 17.95 -16.29 -21.35
N GLY B 210 18.74 -16.41 -20.27
CA GLY B 210 20.14 -16.77 -20.38
C GLY B 210 21.06 -15.64 -20.77
N PHE B 211 20.61 -14.39 -20.71
CA PHE B 211 21.45 -13.25 -21.02
C PHE B 211 22.43 -13.02 -19.87
N ASP B 212 23.72 -13.18 -20.12
CA ASP B 212 24.65 -12.85 -19.06
C ASP B 212 24.73 -11.32 -18.93
N ASN B 213 25.40 -10.87 -17.88
CA ASN B 213 25.31 -9.46 -17.49
C ASN B 213 25.71 -8.52 -18.62
N ASP B 214 26.66 -8.92 -19.46
CA ASP B 214 27.18 -8.01 -20.48
C ASP B 214 26.12 -7.68 -21.53
N GLN B 215 25.46 -8.70 -22.11
CA GLN B 215 24.48 -8.41 -23.14
C GLN B 215 23.22 -7.73 -22.59
N ILE B 216 22.96 -7.82 -21.29
CA ILE B 216 21.79 -7.16 -20.73
C ILE B 216 21.90 -5.66 -20.89
N ALA B 217 23.07 -5.10 -20.54
CA ALA B 217 23.29 -3.67 -20.75
C ALA B 217 23.47 -3.32 -22.21
N ASP B 218 23.89 -4.28 -23.05
CA ASP B 218 23.91 -4.06 -24.48
C ASP B 218 22.51 -3.80 -25.01
N VAL B 219 21.53 -4.55 -24.51
CA VAL B 219 20.12 -4.28 -24.84
C VAL B 219 19.71 -2.90 -24.33
N PHE B 220 20.13 -2.56 -23.10
CA PHE B 220 19.79 -1.26 -22.55
C PHE B 220 20.40 -0.12 -23.36
N GLU B 221 21.63 -0.30 -23.83
CA GLU B 221 22.30 0.75 -24.59
C GLU B 221 21.56 1.05 -25.89
N SER B 222 21.01 0.01 -26.53
CA SER B 222 20.23 0.22 -27.75
C SER B 222 18.96 1.03 -27.45
N TRP B 223 18.31 0.75 -26.33
CA TRP B 223 17.11 1.50 -25.96
C TRP B 223 17.43 2.96 -25.70
N LYS B 224 18.62 3.26 -25.16
CA LYS B 224 19.01 4.64 -24.97
C LYS B 224 19.15 5.36 -26.31
N ALA B 225 19.71 4.67 -27.32
CA ALA B 225 19.84 5.27 -28.63
C ALA B 225 18.48 5.56 -29.26
N ASP B 226 17.43 4.85 -28.83
CA ASP B 226 16.09 5.16 -29.31
C ASP B 226 15.65 6.55 -28.86
N GLY B 227 16.12 7.00 -27.69
CA GLY B 227 15.87 8.32 -27.17
C GLY B 227 14.66 8.45 -26.27
N PHE B 228 13.66 7.57 -26.44
CA PHE B 228 12.45 7.66 -25.62
C PHE B 228 12.76 7.39 -24.15
N LEU B 229 13.53 6.34 -23.88
CA LEU B 229 13.83 5.94 -22.52
C LEU B 229 15.11 6.55 -21.97
N LYS B 230 15.73 7.46 -22.72
CA LYS B 230 16.96 8.11 -22.25
C LYS B 230 16.71 8.82 -20.93
N SER B 231 17.33 8.33 -19.86
CA SER B 231 17.10 8.87 -18.53
C SER B 231 18.30 8.55 -17.66
N TYR B 232 18.40 9.25 -16.53
CA TYR B 232 19.49 8.99 -15.59
C TYR B 232 19.40 7.58 -15.03
N MET B 233 18.19 7.10 -14.76
CA MET B 233 18.00 5.75 -14.25
C MET B 233 18.49 4.71 -15.26
N LEU B 234 18.35 4.99 -16.55
CA LEU B 234 18.94 4.12 -17.56
C LEU B 234 20.46 4.12 -17.46
N ASP B 235 21.06 5.27 -17.19
CA ASP B 235 22.51 5.34 -17.08
C ASP B 235 23.02 4.49 -15.92
N ILE B 236 22.37 4.57 -14.76
CA ILE B 236 22.82 3.81 -13.61
C ILE B 236 22.51 2.33 -13.77
N SER B 237 21.42 2.00 -14.47
CA SER B 237 21.12 0.59 -14.76
C SER B 237 22.18 -0.03 -15.64
N ILE B 238 22.62 0.69 -16.68
CA ILE B 238 23.70 0.20 -17.53
C ILE B 238 24.99 0.08 -16.73
N ALA B 239 25.28 1.08 -15.89
CA ALA B 239 26.49 1.05 -15.09
C ALA B 239 26.49 -0.13 -14.12
N ALA B 240 25.32 -0.45 -13.54
CA ALA B 240 25.24 -1.57 -12.61
C ALA B 240 25.56 -2.90 -13.31
N CYS B 241 25.07 -3.08 -14.53
CA CYS B 241 25.35 -4.31 -15.26
C CYS B 241 26.83 -4.44 -15.59
N ARG B 242 27.47 -3.34 -15.99
CA ARG B 242 28.87 -3.37 -16.37
C ARG B 242 29.82 -3.50 -15.19
N ALA B 243 29.33 -3.40 -13.96
CA ALA B 243 30.19 -3.46 -12.79
C ALA B 243 30.85 -4.83 -12.68
N ARG B 244 32.17 -4.83 -12.47
CA ARG B 244 32.95 -6.05 -12.39
C ARG B 244 33.92 -5.96 -11.22
N GLU B 245 34.06 -7.06 -10.49
CA GLU B 245 34.98 -7.13 -9.37
C GLU B 245 36.40 -7.33 -9.87
N ALA B 246 37.36 -7.18 -8.95
CA ALA B 246 38.77 -7.33 -9.31
C ALA B 246 39.07 -8.75 -9.76
N ALA B 247 38.29 -9.73 -9.30
CA ALA B 247 38.48 -11.12 -9.69
C ALA B 247 37.96 -11.42 -11.09
N GLY B 248 37.31 -10.45 -11.74
CA GLY B 248 36.75 -10.64 -13.07
C GLY B 248 35.28 -10.98 -13.10
N ASN B 249 34.70 -11.34 -11.97
CA ASN B 249 33.28 -11.66 -11.90
C ASN B 249 32.45 -10.38 -11.90
N TYR B 250 31.21 -10.51 -12.39
CA TYR B 250 30.29 -9.38 -12.34
C TYR B 250 29.95 -9.03 -10.90
N LEU B 251 29.80 -7.74 -10.63
CA LEU B 251 29.49 -7.30 -9.27
C LEU B 251 28.08 -7.69 -8.87
N SER B 252 27.15 -7.75 -9.82
CA SER B 252 25.76 -8.05 -9.49
C SER B 252 25.57 -9.46 -8.94
N GLU B 253 26.48 -10.38 -9.25
CA GLU B 253 26.34 -11.75 -8.77
C GLU B 253 26.62 -11.85 -7.27
N LYS B 254 27.56 -11.05 -6.75
CA LYS B 254 27.96 -11.12 -5.36
C LYS B 254 27.13 -10.24 -4.45
N VAL B 255 26.20 -9.46 -5.00
CA VAL B 255 25.41 -8.53 -4.20
C VAL B 255 24.23 -9.27 -3.58
N LYS B 256 24.07 -9.12 -2.26
CA LYS B 256 22.92 -9.71 -1.58
C LYS B 256 21.65 -9.01 -2.02
N ASP B 257 20.59 -9.79 -2.24
CA ASP B 257 19.33 -9.28 -2.76
C ASP B 257 18.45 -8.74 -1.64
N ARG B 258 18.96 -7.74 -0.94
CA ARG B 258 18.21 -7.03 0.08
C ARG B 258 18.30 -5.54 -0.21
N ILE B 259 17.15 -4.88 -0.38
CA ILE B 259 17.07 -3.49 -0.77
C ILE B 259 16.64 -2.67 0.44
N GLY B 260 17.51 -1.78 0.89
CA GLY B 260 17.13 -0.86 1.95
C GLY B 260 16.27 0.28 1.45
N SER B 261 15.47 0.83 2.35
CA SER B 261 14.62 1.98 2.04
C SER B 261 14.56 2.89 3.25
N LYS B 262 14.41 4.19 3.00
CA LYS B 262 14.33 5.19 4.07
C LYS B 262 13.13 6.10 3.84
N GLY B 263 11.97 5.67 4.32
CA GLY B 263 10.83 6.56 4.49
C GLY B 263 10.07 7.02 3.27
N THR B 264 10.73 7.77 2.38
CA THR B 264 9.99 8.54 1.36
C THR B 264 9.17 7.64 0.46
N GLY B 265 9.74 6.52 0.00
CA GLY B 265 8.97 5.61 -0.81
C GLY B 265 7.78 5.03 -0.07
N LEU B 266 7.99 4.65 1.18
CA LEU B 266 6.91 4.09 1.99
C LEU B 266 5.82 5.12 2.26
N TRP B 267 6.21 6.33 2.69
CA TRP B 267 5.22 7.33 3.11
C TRP B 267 4.31 7.74 1.97
N SER B 268 4.85 7.87 0.76
CA SER B 268 4.04 8.26 -0.39
C SER B 268 2.98 7.22 -0.71
N ALA B 269 3.35 5.94 -0.62
CA ALA B 269 2.39 4.88 -0.89
C ALA B 269 1.24 4.88 0.10
N GLN B 270 1.54 5.09 1.39
CA GLN B 270 0.48 5.16 2.39
C GLN B 270 -0.44 6.34 2.14
N GLU B 271 0.12 7.51 1.84
CA GLU B 271 -0.70 8.69 1.60
C GLU B 271 -1.57 8.54 0.36
N ALA B 272 -1.01 7.97 -0.71
CA ALA B 272 -1.81 7.72 -1.91
C ALA B 272 -2.97 6.79 -1.60
N LEU B 273 -2.74 5.76 -0.79
CA LEU B 273 -3.83 4.92 -0.33
C LEU B 273 -4.82 5.70 0.53
N GLU B 274 -4.31 6.56 1.41
CA GLU B 274 -5.18 7.31 2.32
C GLU B 274 -6.08 8.27 1.56
N VAL B 275 -5.52 9.00 0.60
CA VAL B 275 -6.29 9.98 -0.14
C VAL B 275 -7.25 9.31 -1.13
N GLY B 276 -6.98 8.06 -1.50
CA GLY B 276 -7.83 7.34 -2.42
C GLY B 276 -7.42 7.37 -3.87
N VAL B 277 -6.20 7.82 -4.17
CA VAL B 277 -5.69 7.82 -5.53
C VAL B 277 -5.10 6.44 -5.84
N PRO B 278 -5.58 5.75 -6.88
CA PRO B 278 -5.05 4.43 -7.19
C PRO B 278 -3.63 4.47 -7.75
N ALA B 279 -2.68 3.94 -6.99
CA ALA B 279 -1.27 3.89 -7.38
C ALA B 279 -0.71 2.50 -7.15
N PRO B 280 -1.17 1.50 -7.91
CA PRO B 280 -0.64 0.14 -7.71
C PRO B 280 0.85 0.02 -7.96
N SER B 281 1.37 0.72 -8.98
CA SER B 281 2.80 0.65 -9.27
C SER B 281 3.62 1.26 -8.14
N LEU B 282 3.18 2.39 -7.60
CA LEU B 282 3.89 3.02 -6.49
C LEU B 282 3.88 2.14 -5.26
N SER B 283 2.73 1.54 -4.94
CA SER B 283 2.65 0.67 -3.78
C SER B 283 3.45 -0.62 -4.00
N MET B 284 3.40 -1.17 -5.21
CA MET B 284 4.11 -2.42 -5.48
C MET B 284 5.62 -2.24 -5.42
N ALA B 285 6.13 -1.05 -5.74
CA ALA B 285 7.56 -0.80 -5.63
C ALA B 285 8.04 -0.93 -4.19
N VAL B 286 7.28 -0.38 -3.24
CA VAL B 286 7.63 -0.51 -1.84
C VAL B 286 7.53 -1.97 -1.39
N ILE B 287 6.45 -2.64 -1.79
CA ILE B 287 6.25 -4.03 -1.39
C ILE B 287 7.34 -4.93 -1.95
N SER B 288 7.79 -4.66 -3.17
CA SER B 288 8.88 -5.43 -3.76
C SER B 288 10.15 -5.32 -2.93
N ARG B 289 10.46 -4.12 -2.42
CA ARG B 289 11.58 -3.96 -1.53
C ARG B 289 11.38 -4.74 -0.24
N GLN B 290 10.15 -4.76 0.28
CA GLN B 290 9.86 -5.53 1.49
C GLN B 290 10.09 -7.01 1.28
N MET B 291 9.76 -7.51 0.08
CA MET B 291 9.99 -8.92 -0.23
C MET B 291 11.48 -9.25 -0.18
N THR B 292 12.32 -8.38 -0.74
CA THR B 292 13.76 -8.61 -0.73
C THR B 292 14.34 -8.54 0.68
N MET B 293 13.70 -7.85 1.60
CA MET B 293 14.20 -7.76 2.97
C MET B 293 13.98 -9.04 3.76
N CYS B 294 12.99 -9.85 3.38
CA CYS B 294 12.73 -11.12 4.06
C CYS B 294 13.55 -12.24 3.42
N LYS B 295 14.86 -12.04 3.41
CA LYS B 295 15.75 -13.03 2.80
C LYS B 295 15.75 -14.34 3.58
N GLU B 296 15.78 -14.25 4.91
CA GLU B 296 15.77 -15.46 5.73
C GLU B 296 14.51 -16.27 5.50
N GLU B 297 13.38 -15.59 5.26
CA GLU B 297 12.14 -16.29 4.97
C GLU B 297 12.23 -17.01 3.62
N ARG B 298 12.81 -16.36 2.62
CA ARG B 298 12.93 -16.96 1.29
C ARG B 298 13.81 -18.20 1.34
N ILE B 299 14.92 -18.14 2.09
CA ILE B 299 15.81 -19.28 2.19
C ILE B 299 15.10 -20.45 2.86
N ALA B 300 14.39 -20.17 3.95
CA ALA B 300 13.62 -21.22 4.63
C ALA B 300 12.50 -21.75 3.73
N ASN B 301 11.85 -20.87 2.98
CA ASN B 301 10.77 -21.31 2.10
C ASN B 301 11.28 -22.26 1.03
N CYS B 302 12.43 -21.93 0.41
CA CYS B 302 12.99 -22.80 -0.61
C CYS B 302 13.48 -24.12 -0.01
N LYS B 303 14.09 -24.06 1.19
CA LYS B 303 14.57 -25.28 1.83
C LYS B 303 13.41 -26.18 2.23
N ALA B 304 12.34 -25.61 2.79
CA ALA B 304 11.18 -26.41 3.19
C ALA B 304 10.41 -26.97 2.01
N PHE B 305 10.67 -26.49 0.79
CA PHE B 305 9.97 -26.97 -0.40
C PHE B 305 10.89 -26.74 -1.59
N PRO B 306 11.80 -27.68 -1.86
CA PRO B 306 12.79 -27.47 -2.92
C PRO B 306 12.30 -27.86 -4.31
N ASN B 307 11.21 -28.62 -4.37
CA ASN B 307 10.65 -29.04 -5.66
C ASN B 307 9.72 -27.98 -6.22
N PHE B 308 10.21 -26.75 -6.28
CA PHE B 308 9.40 -25.64 -6.77
C PHE B 308 9.25 -25.71 -8.29
N PRO B 309 8.03 -25.72 -8.82
CA PRO B 309 7.87 -25.69 -10.28
C PRO B 309 8.23 -24.33 -10.83
N ARG B 310 9.40 -24.24 -11.47
CA ARG B 310 9.88 -22.98 -12.03
C ARG B 310 9.50 -22.80 -13.50
N GLY B 311 8.77 -23.74 -14.08
CA GLY B 311 8.35 -23.65 -15.45
C GLY B 311 9.41 -24.11 -16.43
N PRO B 312 9.03 -24.28 -17.69
CA PRO B 312 10.00 -24.69 -18.71
C PRO B 312 10.94 -23.57 -19.11
N SER B 313 12.23 -23.72 -18.79
CA SER B 313 13.20 -22.69 -19.14
C SER B 313 13.25 -22.49 -20.64
N ALA B 314 13.12 -21.23 -21.08
CA ALA B 314 13.08 -20.87 -22.49
C ALA B 314 14.21 -19.88 -22.77
N GLU B 315 15.39 -20.41 -23.09
CA GLU B 315 16.51 -19.56 -23.47
C GLU B 315 16.22 -18.91 -24.82
N ALA B 316 16.62 -17.65 -24.95
CA ALA B 316 16.46 -16.93 -26.21
C ALA B 316 17.65 -17.23 -27.12
N ARG B 317 17.36 -17.79 -28.29
CA ARG B 317 18.43 -18.09 -29.24
C ARG B 317 19.15 -16.83 -29.69
N ASP B 318 18.40 -15.76 -29.94
CA ASP B 318 18.97 -14.46 -30.27
C ASP B 318 19.19 -13.69 -28.97
N LYS B 319 20.46 -13.49 -28.61
CA LYS B 319 20.80 -12.69 -27.43
C LYS B 319 21.30 -11.30 -27.79
N SER B 320 21.15 -10.90 -29.05
CA SER B 320 21.51 -9.56 -29.48
C SER B 320 20.45 -8.55 -29.06
N PRO B 321 20.81 -7.27 -29.00
CA PRO B 321 19.79 -6.24 -28.67
C PRO B 321 18.66 -6.17 -29.69
N ASN B 322 18.87 -6.66 -30.91
CA ASN B 322 17.83 -6.67 -31.93
C ASN B 322 16.88 -7.86 -31.80
N SER B 323 17.10 -8.73 -30.81
CA SER B 323 16.27 -9.89 -30.63
C SER B 323 14.82 -9.49 -30.36
N PRO B 324 13.86 -10.29 -30.84
CA PRO B 324 12.45 -9.96 -30.56
C PRO B 324 12.14 -9.89 -29.08
N ASP B 325 12.77 -10.74 -28.27
CA ASP B 325 12.54 -10.68 -26.83
C ASP B 325 12.98 -9.35 -26.26
N ALA B 326 14.12 -8.83 -26.72
CA ALA B 326 14.56 -7.51 -26.31
C ALA B 326 13.62 -6.43 -26.82
N LYS B 327 13.18 -6.54 -28.08
CA LYS B 327 12.30 -5.54 -28.67
C LYS B 327 10.95 -5.48 -27.97
N GLN B 328 10.39 -6.65 -27.62
CA GLN B 328 9.09 -6.68 -26.95
C GLN B 328 9.16 -6.03 -25.58
N LEU B 329 10.26 -6.26 -24.84
CA LEU B 329 10.40 -5.67 -23.51
C LEU B 329 10.52 -4.15 -23.57
N TYR B 330 11.11 -3.60 -24.62
CA TYR B 330 11.25 -2.16 -24.73
C TYR B 330 9.90 -1.47 -24.67
N HIS B 331 8.91 -1.99 -25.40
CA HIS B 331 7.55 -1.46 -25.29
C HIS B 331 6.93 -1.80 -23.95
N ALA B 332 7.25 -2.98 -23.40
CA ALA B 332 6.74 -3.34 -22.08
C ALA B 332 7.30 -2.44 -21.00
N VAL B 333 8.60 -2.14 -21.05
CA VAL B 333 9.22 -1.27 -20.05
C VAL B 333 8.66 0.14 -20.17
N SER B 334 8.63 0.69 -21.39
CA SER B 334 8.29 2.10 -21.58
C SER B 334 6.89 2.42 -21.07
N LEU B 335 5.92 1.53 -21.36
CA LEU B 335 4.56 1.77 -20.90
C LEU B 335 4.43 1.67 -19.39
N CYS B 336 5.34 0.95 -18.72
CA CYS B 336 5.27 0.84 -17.27
C CYS B 336 5.77 2.13 -16.60
N ILE B 337 6.81 2.76 -17.15
CA ILE B 337 7.21 4.08 -16.68
C ILE B 337 6.09 5.09 -16.92
N ILE B 338 5.46 5.04 -18.10
CA ILE B 338 4.36 5.93 -18.39
C ILE B 338 3.22 5.72 -17.39
N ALA B 339 2.88 4.46 -17.12
CA ALA B 339 1.85 4.15 -16.14
C ALA B 339 2.25 4.64 -14.75
N SER B 340 3.49 4.36 -14.35
CA SER B 340 3.93 4.72 -13.00
C SER B 340 3.97 6.24 -12.81
N TYR B 341 4.46 6.97 -13.82
CA TYR B 341 4.48 8.43 -13.71
C TYR B 341 3.07 9.00 -13.67
N ALA B 342 2.12 8.36 -14.35
CA ALA B 342 0.74 8.81 -14.30
C ALA B 342 0.20 8.75 -12.88
N GLN B 343 0.45 7.63 -12.18
CA GLN B 343 -0.02 7.50 -10.81
C GLN B 343 0.67 8.51 -9.90
N MET B 344 1.96 8.74 -10.12
CA MET B 344 2.69 9.74 -9.33
C MET B 344 2.07 11.12 -9.50
N PHE B 345 1.74 11.49 -10.74
CA PHE B 345 1.12 12.78 -10.97
C PHE B 345 -0.34 12.82 -10.52
N GLN B 346 -1.04 11.68 -10.59
CA GLN B 346 -2.44 11.65 -10.18
C GLN B 346 -2.59 11.95 -8.69
N CYS B 347 -1.73 11.38 -7.85
CA CYS B 347 -1.78 11.68 -6.42
C CYS B 347 -1.46 13.15 -6.15
N LEU B 348 -0.47 13.70 -6.86
CA LEU B 348 -0.04 15.07 -6.61
C LEU B 348 -1.17 16.06 -6.86
N ARG B 349 -1.94 15.86 -7.94
CA ARG B 349 -3.05 16.75 -8.22
C ARG B 349 -4.13 16.65 -7.14
N GLU B 350 -4.45 15.43 -6.71
CA GLU B 350 -5.42 15.26 -5.65
C GLU B 350 -4.89 15.76 -4.32
N LEU B 351 -3.58 15.57 -4.07
CA LEU B 351 -2.97 16.09 -2.86
C LEU B 351 -3.05 17.62 -2.81
N ASP B 352 -2.94 18.28 -3.97
CA ASP B 352 -3.07 19.73 -4.01
C ASP B 352 -4.46 20.17 -3.56
N LYS B 353 -5.50 19.46 -4.01
CA LYS B 353 -6.86 19.83 -3.61
C LYS B 353 -7.06 19.65 -2.11
N VAL B 354 -6.58 18.55 -1.55
CA VAL B 354 -6.86 18.23 -0.16
C VAL B 354 -6.13 19.20 0.78
N TYR B 355 -4.82 19.38 0.56
CA TYR B 355 -4.01 20.20 1.46
C TYR B 355 -3.87 21.64 1.02
N GLY B 356 -4.35 22.01 -0.17
CA GLY B 356 -4.34 23.38 -0.63
C GLY B 356 -2.98 24.04 -0.78
N PHE B 357 -2.02 23.34 -1.39
CA PHE B 357 -0.72 23.97 -1.64
C PHE B 357 -0.85 25.13 -2.62
N GLY B 358 -1.68 24.97 -3.65
CA GLY B 358 -1.67 25.89 -4.76
C GLY B 358 -0.54 25.52 -5.71
N LEU B 359 -0.44 24.23 -6.01
CA LEU B 359 0.70 23.69 -6.74
C LEU B 359 0.66 24.10 -8.21
N ASN B 360 1.80 24.55 -8.72
CA ASN B 360 1.97 24.87 -10.14
C ASN B 360 2.47 23.60 -10.83
N LEU B 361 1.53 22.79 -11.31
CA LEU B 361 1.87 21.47 -11.85
C LEU B 361 2.79 21.54 -13.07
N PRO B 362 2.50 22.33 -14.12
CA PRO B 362 3.37 22.30 -15.30
C PRO B 362 4.82 22.69 -15.03
N ALA B 363 5.05 23.63 -14.11
CA ALA B 363 6.43 24.01 -13.78
C ALA B 363 7.11 22.95 -12.93
N THR B 364 6.36 22.23 -12.10
CA THR B 364 6.98 21.20 -11.27
C THR B 364 7.52 20.03 -12.10
N ILE B 365 6.84 19.68 -13.20
CA ILE B 365 7.40 18.67 -14.08
C ILE B 365 8.65 19.21 -14.77
N ALA B 366 8.67 20.50 -15.09
CA ALA B 366 9.81 21.11 -15.76
C ALA B 366 11.02 21.23 -14.85
N THR B 367 10.82 21.25 -13.52
CA THR B 367 11.94 21.33 -12.59
C THR B 367 12.69 20.00 -12.46
N PHE B 368 12.14 18.92 -13.02
CA PHE B 368 12.77 17.60 -12.99
C PHE B 368 13.80 17.42 -14.10
N ARG B 369 13.89 18.36 -15.04
CA ARG B 369 14.59 18.12 -16.30
C ARG B 369 16.07 17.79 -16.09
N ALA B 370 16.73 18.49 -15.18
CA ALA B 370 18.15 18.26 -14.93
C ALA B 370 18.44 18.32 -13.44
N GLY B 371 19.45 17.56 -13.03
CA GLY B 371 19.94 17.60 -11.68
C GLY B 371 19.27 16.65 -10.71
N CYS B 372 18.04 16.22 -11.00
CA CYS B 372 17.31 15.34 -10.11
C CYS B 372 17.43 13.90 -10.59
N ILE B 373 16.87 12.98 -9.81
CA ILE B 373 16.96 11.56 -10.13
C ILE B 373 16.10 11.24 -11.35
N LEU B 374 14.91 11.83 -11.45
CA LEU B 374 13.98 11.52 -12.52
C LEU B 374 14.34 12.20 -13.85
N GLN B 375 15.52 12.81 -13.95
CA GLN B 375 15.87 13.54 -15.16
C GLN B 375 15.97 12.60 -16.35
N GLY B 376 15.49 13.06 -17.50
CA GLY B 376 15.49 12.25 -18.70
C GLY B 376 14.69 12.92 -19.79
N TYR B 377 14.57 12.21 -20.91
CA TYR B 377 13.87 12.74 -22.07
C TYR B 377 12.36 12.81 -21.83
N LEU B 378 11.81 11.81 -21.13
CA LEU B 378 10.36 11.68 -21.01
C LEU B 378 9.72 12.88 -20.32
N LEU B 379 10.50 13.66 -19.57
CA LEU B 379 9.95 14.83 -18.90
C LEU B 379 9.52 15.91 -19.89
N GLY B 380 10.05 15.90 -21.11
CA GLY B 380 9.67 16.86 -22.12
C GLY B 380 8.20 16.77 -22.46
N PRO B 381 7.78 15.63 -23.03
CA PRO B 381 6.35 15.46 -23.32
C PRO B 381 5.46 15.56 -22.10
N MET B 382 5.91 15.05 -20.95
CA MET B 382 5.09 15.10 -19.74
C MET B 382 4.86 16.53 -19.27
N THR B 383 5.91 17.36 -19.29
CA THR B 383 5.73 18.78 -18.99
C THR B 383 4.84 19.43 -20.04
N LYS B 384 5.05 19.11 -21.31
CA LYS B 384 4.23 19.66 -22.38
C LYS B 384 2.79 19.17 -22.28
N ALA B 385 2.60 17.91 -21.88
CA ALA B 385 1.27 17.33 -21.82
C ALA B 385 0.38 18.09 -20.84
N PHE B 386 0.90 18.38 -19.65
CA PHE B 386 0.13 19.10 -18.65
C PHE B 386 0.12 20.60 -18.89
N GLU B 387 1.03 21.12 -19.70
CA GLU B 387 0.97 22.53 -20.08
C GLU B 387 -0.14 22.78 -21.10
N GLU B 388 -0.28 21.90 -22.09
CA GLU B 388 -1.36 22.03 -23.05
C GLU B 388 -2.72 21.77 -22.40
N ASN B 389 -2.81 20.71 -21.60
CA ASN B 389 -4.06 20.31 -20.96
C ASN B 389 -3.80 20.11 -19.48
N PRO B 390 -3.88 21.19 -18.67
CA PRO B 390 -3.76 21.03 -17.22
C PRO B 390 -4.86 20.17 -16.61
N SER B 391 -6.00 20.04 -17.29
CA SER B 391 -7.11 19.22 -16.84
C SER B 391 -7.08 17.83 -17.46
N LEU B 392 -5.89 17.30 -17.74
CA LEU B 392 -5.76 15.99 -18.36
C LEU B 392 -6.29 14.91 -17.45
N PRO B 393 -7.24 14.07 -17.89
CA PRO B 393 -7.78 13.03 -16.99
C PRO B 393 -6.72 12.05 -16.52
N ASN B 394 -5.75 11.72 -17.38
CA ASN B 394 -4.72 10.76 -17.04
C ASN B 394 -3.51 11.02 -17.94
N LEU B 395 -2.31 10.87 -17.36
CA LEU B 395 -1.10 11.20 -18.11
C LEU B 395 -0.94 10.32 -19.35
N MET B 396 -1.52 9.11 -19.33
CA MET B 396 -1.43 8.23 -20.50
C MET B 396 -2.17 8.80 -21.70
N ASP B 397 -3.14 9.69 -21.49
CA ASP B 397 -3.88 10.27 -22.60
C ASP B 397 -3.00 11.10 -23.51
N ALA B 398 -1.83 11.52 -23.04
CA ALA B 398 -0.88 12.21 -23.89
C ALA B 398 -0.05 11.26 -24.74
N PHE B 399 0.08 10.01 -24.33
CA PHE B 399 0.92 9.02 -24.99
C PHE B 399 0.09 7.93 -25.65
N THR B 400 -1.01 8.32 -26.30
CA THR B 400 -1.88 7.34 -26.95
C THR B 400 -1.12 6.53 -28.00
N LYS B 401 -0.36 7.22 -28.85
CA LYS B 401 0.29 6.55 -29.97
C LYS B 401 1.29 5.50 -29.50
N GLU B 402 2.05 5.82 -28.44
CA GLU B 402 2.97 4.82 -27.88
C GLU B 402 2.22 3.64 -27.27
N ILE B 403 1.03 3.89 -26.71
CA ILE B 403 0.25 2.79 -26.14
C ILE B 403 -0.23 1.85 -27.25
N VAL B 404 -0.81 2.40 -28.31
CA VAL B 404 -1.31 1.56 -29.40
C VAL B 404 -0.18 0.78 -30.03
N ALA B 405 0.99 1.40 -30.15
CA ALA B 405 2.12 0.76 -30.84
C ALA B 405 2.58 -0.50 -30.12
N GLY B 406 2.64 -0.48 -28.78
CA GLY B 406 3.26 -1.57 -28.08
C GLY B 406 2.53 -2.16 -26.89
N LEU B 407 1.25 -1.80 -26.69
CA LEU B 407 0.50 -2.41 -25.59
C LEU B 407 0.32 -3.90 -25.81
N ASP B 408 0.02 -4.30 -27.05
CA ASP B 408 -0.06 -5.72 -27.37
C ASP B 408 1.30 -6.38 -27.23
N ASP B 409 2.35 -5.76 -27.79
CA ASP B 409 3.68 -6.31 -27.68
C ASP B 409 4.12 -6.45 -26.23
N CYS B 410 3.67 -5.53 -25.37
CA CYS B 410 3.95 -5.64 -23.94
C CYS B 410 3.25 -6.84 -23.33
N ARG B 411 2.03 -7.15 -23.78
CA ARG B 411 1.21 -8.16 -23.11
C ARG B 411 1.79 -9.57 -23.24
N GLN B 412 2.26 -9.94 -24.44
CA GLN B 412 2.70 -11.32 -24.63
C GLN B 412 4.00 -11.61 -23.88
N ILE B 413 4.95 -10.68 -23.92
CA ILE B 413 6.26 -10.96 -23.34
C ILE B 413 6.15 -11.13 -21.82
N LEU B 414 5.33 -10.31 -21.15
CA LEU B 414 5.09 -10.54 -19.74
C LEU B 414 4.43 -11.89 -19.51
N ALA B 415 3.46 -12.23 -20.37
CA ALA B 415 2.86 -13.56 -20.31
C ALA B 415 3.90 -14.63 -20.63
N LYS B 416 4.77 -14.36 -21.60
CA LYS B 416 5.87 -15.27 -21.89
C LYS B 416 6.78 -15.41 -20.68
N LEU B 417 7.06 -14.29 -20.01
CA LEU B 417 7.83 -14.35 -18.77
C LEU B 417 7.07 -15.14 -17.71
N THR B 418 5.75 -14.95 -17.64
CA THR B 418 4.95 -15.64 -16.64
C THR B 418 4.92 -17.14 -16.89
N VAL B 419 4.60 -17.56 -18.12
CA VAL B 419 4.39 -18.99 -18.38
C VAL B 419 5.71 -19.75 -18.32
N ASN B 420 6.78 -19.18 -18.88
CA ASN B 420 8.03 -19.90 -19.05
C ASN B 420 8.94 -19.86 -17.83
N THR B 421 8.90 -18.77 -17.06
CA THR B 421 9.82 -18.58 -15.95
C THR B 421 9.04 -18.22 -14.68
N ALA B 422 9.67 -18.48 -13.54
CA ALA B 422 9.12 -18.16 -12.23
C ALA B 422 9.74 -16.90 -11.64
N VAL B 423 10.04 -15.91 -12.47
CA VAL B 423 10.62 -14.65 -12.01
C VAL B 423 9.49 -13.72 -11.59
N SER B 424 9.61 -13.16 -10.38
CA SER B 424 8.59 -12.25 -9.88
C SER B 424 8.67 -10.91 -10.60
N LEU B 425 7.51 -10.40 -11.04
CA LEU B 425 7.42 -9.13 -11.74
C LEU B 425 6.32 -8.28 -11.10
N PRO B 426 6.55 -7.81 -9.87
CA PRO B 426 5.48 -7.12 -9.13
C PRO B 426 5.04 -5.80 -9.76
N VAL B 427 6.00 -4.90 -10.01
CA VAL B 427 5.64 -3.55 -10.45
C VAL B 427 5.11 -3.57 -11.89
N MET B 428 5.78 -4.31 -12.78
CA MET B 428 5.40 -4.29 -14.19
C MET B 428 3.98 -4.83 -14.39
N MET B 429 3.63 -5.92 -13.71
CA MET B 429 2.29 -6.47 -13.87
C MET B 429 1.24 -5.58 -13.20
N ALA B 430 1.63 -4.87 -12.14
CA ALA B 430 0.73 -3.90 -11.53
C ALA B 430 0.43 -2.75 -12.50
N SER B 431 1.46 -2.29 -13.22
CA SER B 431 1.25 -1.21 -14.18
C SER B 431 0.32 -1.63 -15.30
N LEU B 432 0.48 -2.86 -15.82
CA LEU B 432 -0.40 -3.34 -16.88
C LEU B 432 -1.84 -3.41 -16.40
N SER B 433 -2.06 -3.90 -15.18
CA SER B 433 -3.40 -3.92 -14.61
C SER B 433 -3.96 -2.51 -14.46
N TYR B 434 -3.10 -1.56 -14.08
CA TYR B 434 -3.55 -0.17 -13.97
C TYR B 434 -3.98 0.39 -15.32
N ILE B 435 -3.23 0.08 -16.38
CA ILE B 435 -3.58 0.59 -17.71
C ILE B 435 -4.93 0.03 -18.16
N ASN B 436 -5.11 -1.28 -17.99
CA ASN B 436 -6.36 -1.91 -18.43
C ASN B 436 -7.55 -1.38 -17.63
N ALA B 437 -7.42 -1.30 -16.31
CA ALA B 437 -8.53 -0.88 -15.48
C ALA B 437 -8.90 0.58 -15.75
N MET B 438 -7.90 1.45 -15.92
CA MET B 438 -8.17 2.87 -16.14
C MET B 438 -8.69 3.16 -17.53
N TYR B 439 -8.67 2.17 -18.44
CA TYR B 439 -9.13 2.36 -19.80
C TYR B 439 -10.28 1.41 -20.15
N THR B 440 -10.85 0.71 -19.19
CA THR B 440 -12.05 -0.07 -19.37
C THR B 440 -13.21 0.67 -18.72
N GLU B 441 -14.29 0.89 -19.48
CA GLU B 441 -15.40 1.68 -18.97
C GLU B 441 -16.06 1.02 -17.76
N THR B 442 -16.29 -0.29 -17.83
CA THR B 442 -16.91 -1.03 -16.75
C THR B 442 -16.03 -2.20 -16.36
N LEU B 443 -15.62 -2.26 -15.09
CA LEU B 443 -14.85 -3.39 -14.59
C LEU B 443 -15.80 -4.37 -13.93
N PRO B 444 -15.89 -5.60 -14.43
CA PRO B 444 -16.88 -6.55 -13.88
C PRO B 444 -16.70 -6.86 -12.40
N TYR B 445 -15.47 -6.88 -11.89
CA TYR B 445 -15.28 -7.16 -10.47
C TYR B 445 -15.80 -6.02 -9.60
N GLY B 446 -15.84 -4.79 -10.14
CA GLY B 446 -16.46 -3.71 -9.39
C GLY B 446 -17.94 -3.91 -9.16
N GLN B 447 -18.62 -4.47 -10.16
CA GLN B 447 -20.05 -4.76 -10.01
C GLN B 447 -20.28 -5.90 -9.03
N LEU B 448 -19.55 -7.01 -9.21
CA LEU B 448 -19.81 -8.21 -8.41
C LEU B 448 -19.46 -8.00 -6.94
N VAL B 449 -18.32 -7.38 -6.65
CA VAL B 449 -17.92 -7.16 -5.27
C VAL B 449 -18.88 -6.21 -4.57
N SER B 450 -19.40 -5.23 -5.30
CA SER B 450 -20.43 -4.35 -4.75
C SER B 450 -21.65 -5.16 -4.30
N LEU B 451 -22.06 -6.14 -5.10
CA LEU B 451 -23.13 -7.04 -4.70
C LEU B 451 -22.71 -7.89 -3.50
N GLN B 452 -21.46 -8.37 -3.49
CA GLN B 452 -21.01 -9.24 -2.41
C GLN B 452 -21.10 -8.55 -1.06
N ARG B 453 -20.70 -7.27 -0.99
CA ARG B 453 -20.78 -6.55 0.28
C ARG B 453 -22.22 -6.37 0.72
N ASP B 454 -23.14 -6.17 -0.24
CA ASP B 454 -24.55 -6.02 0.10
C ASP B 454 -25.15 -7.31 0.63
N VAL B 455 -24.59 -8.47 0.24
CA VAL B 455 -25.15 -9.74 0.65
C VAL B 455 -25.03 -9.92 2.16
N PHE B 456 -23.84 -9.67 2.71
CA PHE B 456 -23.61 -9.85 4.14
C PHE B 456 -23.74 -8.55 4.94
N GLY B 457 -23.18 -7.46 4.45
CA GLY B 457 -23.21 -6.22 5.20
C GLY B 457 -24.41 -5.34 4.97
N ARG B 458 -25.23 -5.65 3.96
CA ARG B 458 -26.37 -4.85 3.56
C ARG B 458 -25.95 -3.39 3.31
N HIS B 459 -24.77 -3.23 2.70
CA HIS B 459 -24.22 -1.91 2.44
C HIS B 459 -24.82 -1.25 1.21
N GLY B 460 -25.52 -1.99 0.37
CA GLY B 460 -26.09 -1.41 -0.84
C GLY B 460 -25.10 -1.33 -1.97
N TYR B 461 -25.59 -0.81 -3.10
CA TYR B 461 -24.78 -0.67 -4.30
C TYR B 461 -25.33 0.47 -5.13
N GLU B 462 -24.49 0.99 -6.02
CA GLU B 462 -24.89 2.07 -6.91
C GLU B 462 -25.44 1.49 -8.21
N ARG B 463 -26.33 2.25 -8.85
CA ARG B 463 -27.00 1.84 -10.06
C ARG B 463 -26.63 2.78 -11.20
N THR B 464 -26.54 2.21 -12.41
CA THR B 464 -26.14 3.00 -13.57
C THR B 464 -27.29 3.87 -14.10
N ASP B 465 -28.51 3.35 -14.04
CA ASP B 465 -29.63 4.05 -14.68
C ASP B 465 -30.06 5.28 -13.88
N LYS B 466 -30.07 5.20 -12.55
CA LYS B 466 -30.57 6.28 -11.73
C LYS B 466 -29.66 6.49 -10.53
N ASP B 467 -29.71 7.70 -9.97
CA ASP B 467 -28.93 8.02 -8.79
C ASP B 467 -29.52 7.31 -7.57
N GLY B 468 -28.72 7.29 -6.49
CA GLY B 468 -29.13 6.68 -5.25
C GLY B 468 -28.51 5.30 -5.06
N ARG B 469 -28.91 4.67 -3.96
CA ARG B 469 -28.41 3.36 -3.59
C ARG B 469 -29.57 2.40 -3.35
N GLU B 470 -29.41 1.17 -3.83
CA GLU B 470 -30.44 0.15 -3.71
C GLU B 470 -29.82 -1.13 -3.18
N SER B 471 -30.60 -1.88 -2.40
CA SER B 471 -30.17 -3.15 -1.82
C SER B 471 -31.19 -4.23 -2.14
N PHE B 472 -30.78 -5.23 -2.92
CA PHE B 472 -31.65 -6.35 -3.22
C PHE B 472 -31.65 -7.33 -2.05
N GLU B 473 -32.83 -7.86 -1.71
CA GLU B 473 -32.97 -8.76 -0.59
C GLU B 473 -32.52 -10.17 -0.99
N TRP B 474 -31.55 -10.72 -0.24
CA TRP B 474 -30.93 -12.00 -0.56
C TRP B 474 -31.47 -13.10 0.37
N PRO B 475 -31.51 -14.34 -0.12
CA PRO B 475 -31.93 -15.44 0.74
C PRO B 475 -30.87 -15.79 1.78
N ALA B 476 -31.32 -16.48 2.83
CA ALA B 476 -30.42 -16.88 3.90
C ALA B 476 -29.38 -17.87 3.39
N LEU B 477 -28.12 -17.65 3.76
CA LEU B 477 -27.03 -18.50 3.30
C LEU B 477 -26.17 -19.07 4.43
N GLN B 478 -26.51 -18.82 5.69
CA GLN B 478 -25.75 -19.35 6.80
C GLN B 478 -26.59 -20.32 7.63
PA NDP C . -23.29 1.49 10.79
O1A NDP C . -23.95 1.78 9.46
O2A NDP C . -21.80 1.33 10.63
O5B NDP C . -23.61 2.74 11.88
C5B NDP C . -25.02 2.90 12.25
C4B NDP C . -25.10 3.19 13.79
O4B NDP C . -24.18 4.07 14.11
C3B NDP C . -26.45 3.82 14.12
O3B NDP C . -26.82 3.47 15.37
C2B NDP C . -26.09 5.32 14.08
O2B NDP C . -27.12 6.14 14.75
C1B NDP C . -25.00 5.31 14.77
N9A NDP C . -24.28 6.57 14.66
C8A NDP C . -24.05 6.59 13.33
N7A NDP C . -23.38 7.73 13.08
C5A NDP C . -23.20 8.39 14.26
C6A NDP C . -22.57 9.59 14.59
N6A NDP C . -21.83 10.73 13.95
N1A NDP C . -22.54 10.00 15.85
C2A NDP C . -23.11 9.26 16.83
N3A NDP C . -23.72 8.09 16.52
C4A NDP C . -23.75 7.67 15.23
O3 NDP C . -23.95 0.16 11.50
PN NDP C . -23.58 -1.40 11.18
O1N NDP C . -24.57 -2.28 11.94
O2N NDP C . -23.69 -1.65 9.71
O5D NDP C . -22.00 -1.70 11.69
C5D NDP C . -21.58 -1.24 13.00
C4D NDP C . -20.06 -1.50 13.15
O4D NDP C . -19.81 -2.77 13.00
C3D NDP C . -19.31 -0.76 12.04
O3D NDP C . -18.21 -0.13 12.53
C2D NDP C . -18.89 -1.87 11.05
O2D NDP C . -17.60 -1.49 10.41
C1D NDP C . -18.73 -2.92 11.82
N1N NDP C . -18.94 -4.15 11.10
C2N NDP C . -18.56 -4.28 9.70
C3N NDP C . -18.36 -5.65 9.08
C7N NDP C . -17.55 -5.80 7.77
O7N NDP C . -17.34 -6.90 7.30
N7N NDP C . -17.05 -4.59 7.10
C4N NDP C . -19.05 -6.89 9.69
C5N NDP C . -19.61 -6.64 11.11
C6N NDP C . -19.56 -5.27 11.77
P2B NDP C . -28.43 6.56 13.91
O1X NDP C . -28.21 7.89 13.30
O2X NDP C . -29.62 6.61 14.85
O3X NDP C . -28.68 5.53 12.82
P PO4 D . -15.70 -2.74 4.20
O1 PO4 D . -14.42 -2.99 4.95
O2 PO4 D . -15.74 -1.30 3.75
O3 PO4 D . -16.87 -3.02 5.11
O4 PO4 D . -15.77 -3.64 2.99
PA NDP E . 22.53 10.86 6.19
O1A NDP E . 23.27 9.54 6.12
O2A NDP E . 21.08 10.67 5.86
O5B NDP E . 22.70 11.55 7.73
C5B NDP E . 24.05 11.92 8.12
C4B NDP E . 24.03 13.29 8.90
O4B NDP E . 23.08 13.27 9.80
C3B NDP E . 25.34 13.44 9.68
O3B NDP E . 25.64 14.75 9.82
C2B NDP E . 24.98 12.81 11.04
O2B NDP E . 25.93 13.28 12.09
C1B NDP E . 23.79 13.26 11.26
O3 NDP E . 23.23 11.94 5.14
PN NDP E . 22.95 12.03 3.53
O1N NDP E . 23.90 13.04 2.90
O2N NDP E . 23.16 10.69 2.91
O5D NDP E . 21.35 12.54 3.27
C5D NDP E . 20.80 13.60 4.09
C4D NDP E . 19.30 13.78 3.76
O4D NDP E . 19.15 13.95 2.46
C3D NDP E . 18.51 12.51 4.13
O3D NDP E . 17.32 12.83 4.70
C2D NDP E . 18.29 11.78 2.78
O2D NDP E . 16.99 11.06 2.80
C1D NDP E . 18.26 12.73 1.89
P2B NDP E . 27.25 12.39 12.29
O1X NDP E . 27.02 11.42 13.38
O2X NDP E . 28.41 13.30 12.68
O3X NDP E . 27.57 11.67 11.00
P PO4 F . 15.60 5.66 -0.54
O1 PO4 F . 15.54 4.32 -1.24
O2 PO4 F . 16.28 6.67 -1.44
O3 PO4 F . 16.37 5.53 0.75
O4 PO4 F . 14.20 6.13 -0.23
#